data_6XRC
#
_entry.id   6XRC
#
_cell.length_a   74.417
_cell.length_b   98.921
_cell.length_c   183.352
_cell.angle_alpha   90.00
_cell.angle_beta   90.00
_cell.angle_gamma   90.00
#
_symmetry.space_group_name_H-M   'P 2 21 21'
#
loop_
_entity.id
_entity.type
_entity.pdbx_description
1 polymer 'Desferrioxamine E biosynthesis protein DesD'
2 non-polymer GLYCEROL
3 non-polymer "ADENOSINE-5'-TRIPHOSPHATE"
4 non-polymer 'MAGNESIUM ION'
5 water water
#
_entity_poly.entity_id   1
_entity_poly.type   'polypeptide(L)'
_entity_poly.pdbx_seq_one_letter_code
;MSLADAVAHLTPERWEEANRLLVRKALAEFTHERLLTPEREPDDGGGQTYVVRSDDGQTAYRFTATVRALDHWQVDAASV
TRHRDGAELPLAALDFFIELKQTLGLSDEILPVYLEEISSTLSGTCYKLTKPQLSSAELARSGDFQAVETGMTEGHPCFV
ANNGRLGFGIHEYLSYAPETASPVRLVWLAAHRSRAAFTAGVGIEYESFVRDELGAATVDRFHGVLRGRGLDPADYLLIP
VHPWQWWNKLTVTFAAEVARGHLVCLGEGDDEYLAQQSIRTFFNASHPGKHYVKTALSVLNMGFMQGLSAAYMEATPAIN
DWLARLIEGDPVLKETGLSIIRERAAVGYRHLEYEQATDRYSPYRKMLAALWRESPVPSIREGETLATMASLVHQDHEGA
SFAGALIERSGLTPTEWLRHYLRAYYVPLLHSFYAYDLVYMPHGENVILVLADGVVRRAVYKDIAEEIAVMDPDAVLPPE
VSRIAVDVPDDKKLLSIFTDVFDCFFRFLAANLAEEGIVTEDAFWRTVAEVTREYQESVPELADKFERYDMFAPEFALSC
LNRLQLRDNRQMVDLADPSGALQLVGTLKNPLAGRLQHHHHHH
;
_entity_poly.pdbx_strand_id   A,B
#
loop_
_chem_comp.id
_chem_comp.type
_chem_comp.name
_chem_comp.formula
ATP non-polymer ADENOSINE-5'-TRIPHOSPHATE 'C10 H16 N5 O13 P3'
GOL non-polymer GLYCEROL 'C3 H8 O3'
MG non-polymer 'MAGNESIUM ION' 'Mg 2'
#
# COMPACT_ATOMS: atom_id res chain seq x y z
N SER A 2 -6.31 9.48 22.32
CA SER A 2 -7.57 8.82 21.95
C SER A 2 -7.58 8.56 20.42
N LEU A 3 -8.59 7.80 20.03
CA LEU A 3 -8.93 7.45 18.63
C LEU A 3 -9.53 8.70 18.01
N ALA A 4 -10.50 9.31 18.70
CA ALA A 4 -11.25 10.52 18.28
C ALA A 4 -10.26 11.66 18.00
N ASP A 5 -9.11 11.67 18.69
CA ASP A 5 -8.08 12.74 18.65
C ASP A 5 -7.25 12.67 17.38
N ALA A 6 -7.00 11.48 16.84
CA ALA A 6 -6.27 11.32 15.55
C ALA A 6 -7.01 12.03 14.40
N VAL A 7 -8.32 12.23 14.50
CA VAL A 7 -9.16 12.87 13.42
C VAL A 7 -9.78 14.21 13.89
N ALA A 8 -9.40 14.72 15.07
CA ALA A 8 -9.89 16.01 15.64
C ALA A 8 -9.86 17.12 14.58
N HIS A 9 -8.89 17.12 13.67
CA HIS A 9 -8.70 18.18 12.66
C HIS A 9 -9.74 18.07 11.56
N LEU A 10 -10.43 16.93 11.50
CA LEU A 10 -11.38 16.60 10.41
C LEU A 10 -12.79 16.96 10.84
N THR A 11 -13.18 18.21 10.62
CA THR A 11 -14.47 18.77 11.08
C THR A 11 -15.10 19.36 9.84
N PRO A 12 -16.44 19.52 9.78
CA PRO A 12 -17.08 20.14 8.61
C PRO A 12 -16.59 21.55 8.25
N GLU A 13 -16.29 22.39 9.22
CA GLU A 13 -15.88 23.80 8.93
C GLU A 13 -14.50 23.83 8.26
N ARG A 14 -13.56 23.03 8.76
CA ARG A 14 -12.18 22.95 8.20
C ARG A 14 -12.16 22.22 6.87
N TRP A 15 -12.91 21.14 6.78
CA TRP A 15 -13.07 20.38 5.53
C TRP A 15 -13.57 21.37 4.49
N GLU A 16 -14.58 22.18 4.89
CA GLU A 16 -15.32 23.08 3.95
C GLU A 16 -14.36 24.16 3.46
N GLU A 17 -13.55 24.69 4.38
CA GLU A 17 -12.51 25.68 4.03
C GLU A 17 -11.48 25.02 3.12
N ALA A 18 -11.01 23.82 3.47
CA ALA A 18 -9.93 23.09 2.79
C ALA A 18 -10.34 22.87 1.33
N ASN A 19 -11.62 22.62 1.09
CA ASN A 19 -12.15 22.37 -0.27
C ASN A 19 -12.24 23.68 -1.09
N ARG A 20 -12.63 24.78 -0.43
CA ARG A 20 -12.75 26.07 -1.13
C ARG A 20 -11.37 26.39 -1.63
N LEU A 21 -10.37 26.27 -0.75
CA LEU A 21 -8.95 26.57 -1.08
C LEU A 21 -8.44 25.68 -2.21
N LEU A 22 -8.79 24.39 -2.23
CA LEU A 22 -8.23 23.47 -3.24
C LEU A 22 -8.95 23.65 -4.58
N VAL A 23 -10.24 23.91 -4.57
CA VAL A 23 -10.99 24.21 -5.83
C VAL A 23 -10.54 25.56 -6.42
N ARG A 24 -10.23 26.54 -5.58
CA ARG A 24 -9.70 27.85 -6.07
C ARG A 24 -8.42 27.58 -6.86
N LYS A 25 -7.48 26.84 -6.24
CA LYS A 25 -6.18 26.47 -6.83
C LYS A 25 -6.37 25.60 -8.08
N ALA A 26 -7.32 24.69 -8.05
CA ALA A 26 -7.63 23.83 -9.19
C ALA A 26 -8.03 24.70 -10.38
N LEU A 27 -8.99 25.61 -10.18
CA LEU A 27 -9.50 26.52 -11.22
C LEU A 27 -8.34 27.37 -11.76
N ALA A 28 -7.51 27.91 -10.90
CA ALA A 28 -6.33 28.75 -11.25
C ALA A 28 -5.37 27.95 -12.15
N GLU A 29 -4.83 26.81 -11.69
CA GLU A 29 -3.67 26.15 -12.33
C GLU A 29 -4.12 25.30 -13.50
N PHE A 30 -5.30 24.71 -13.41
CA PHE A 30 -5.85 23.96 -14.58
C PHE A 30 -6.06 24.96 -15.71
N THR A 31 -6.44 26.19 -15.39
CA THR A 31 -6.67 27.27 -16.37
C THR A 31 -5.31 27.70 -16.92
N HIS A 32 -4.33 27.87 -16.04
CA HIS A 32 -2.94 28.18 -16.44
C HIS A 32 -2.40 27.13 -17.42
N GLU A 33 -2.78 25.85 -17.25
CA GLU A 33 -2.27 24.73 -18.08
C GLU A 33 -3.23 24.45 -19.22
N ARG A 34 -4.29 25.26 -19.34
CA ARG A 34 -5.29 25.25 -20.46
C ARG A 34 -6.03 23.93 -20.53
N LEU A 35 -6.28 23.30 -19.39
CA LEU A 35 -7.28 22.21 -19.31
C LEU A 35 -8.68 22.85 -19.31
N LEU A 36 -8.84 23.91 -18.51
CA LEU A 36 -10.06 24.77 -18.46
C LEU A 36 -9.85 26.08 -19.22
N THR A 37 -10.97 26.61 -19.72
CA THR A 37 -11.07 27.81 -20.55
C THR A 37 -12.28 28.57 -20.04
N PRO A 38 -12.06 29.32 -18.95
CA PRO A 38 -13.12 30.07 -18.31
C PRO A 38 -13.71 31.03 -19.33
N GLU A 39 -15.01 31.30 -19.26
CA GLU A 39 -15.73 32.21 -20.17
C GLU A 39 -16.26 33.38 -19.32
N ARG A 40 -16.11 34.61 -19.80
CA ARG A 40 -16.52 35.85 -19.10
C ARG A 40 -18.05 35.89 -19.00
N GLU A 41 -18.57 36.24 -17.82
CA GLU A 41 -20.00 36.59 -17.60
C GLU A 41 -20.14 38.11 -17.69
N PRO A 42 -21.09 38.65 -18.51
CA PRO A 42 -21.26 40.09 -18.68
C PRO A 42 -21.05 40.97 -17.42
N ASP A 43 -20.34 42.11 -17.57
CA ASP A 43 -19.93 43.06 -16.48
C ASP A 43 -21.14 43.57 -15.67
N ASP A 44 -21.68 42.71 -14.79
CA ASP A 44 -22.78 42.94 -13.82
C ASP A 44 -22.20 43.39 -12.47
N GLY A 45 -21.26 42.60 -11.93
CA GLY A 45 -20.51 42.88 -10.69
C GLY A 45 -19.05 43.20 -10.97
N GLY A 46 -18.79 44.16 -11.87
CA GLY A 46 -17.46 44.76 -12.13
C GLY A 46 -16.87 44.41 -13.50
N GLY A 47 -17.32 43.31 -14.13
CA GLY A 47 -16.65 42.68 -15.30
C GLY A 47 -16.04 41.32 -14.96
N GLN A 48 -14.92 41.34 -14.21
CA GLN A 48 -13.94 40.23 -14.04
C GLN A 48 -14.58 38.99 -13.39
N THR A 49 -15.71 38.50 -13.93
CA THR A 49 -16.46 37.30 -13.46
C THR A 49 -16.49 36.22 -14.56
N TYR A 50 -16.08 34.99 -14.20
CA TYR A 50 -15.91 33.85 -15.13
C TYR A 50 -16.73 32.63 -14.66
N VAL A 51 -17.03 31.75 -15.61
CA VAL A 51 -17.80 30.49 -15.46
C VAL A 51 -16.92 29.32 -15.97
N VAL A 52 -16.94 28.15 -15.34
CA VAL A 52 -16.30 26.88 -15.86
C VAL A 52 -17.34 25.77 -15.73
N ARG A 53 -17.61 25.02 -16.81
CA ARG A 53 -18.67 23.98 -16.83
C ARG A 53 -18.07 22.58 -16.69
N SER A 54 -18.83 21.64 -16.14
CA SER A 54 -18.53 20.19 -16.08
C SER A 54 -18.57 19.55 -17.49
N ASP A 55 -17.89 18.43 -17.67
CA ASP A 55 -17.95 17.58 -18.89
C ASP A 55 -19.37 17.61 -19.47
N ASP A 56 -20.42 17.46 -18.63
CA ASP A 56 -21.86 17.29 -19.00
C ASP A 56 -22.63 18.62 -19.02
N GLY A 57 -21.97 19.75 -18.77
CA GLY A 57 -22.54 21.11 -18.83
C GLY A 57 -23.63 21.38 -17.80
N GLN A 58 -23.89 20.49 -16.85
CA GLN A 58 -24.99 20.64 -15.86
C GLN A 58 -24.47 21.39 -14.62
N THR A 59 -23.19 21.27 -14.31
CA THR A 59 -22.56 21.93 -13.13
C THR A 59 -21.68 23.09 -13.60
N ALA A 60 -21.93 24.30 -13.06
CA ALA A 60 -21.24 25.56 -13.39
C ALA A 60 -20.44 26.03 -12.18
N TYR A 61 -19.18 26.41 -12.38
CA TYR A 61 -18.32 27.01 -11.35
C TYR A 61 -18.05 28.48 -11.72
N ARG A 62 -18.50 29.42 -10.87
CA ARG A 62 -18.30 30.88 -11.04
C ARG A 62 -17.31 31.36 -9.98
N PHE A 63 -16.58 32.40 -10.36
CA PHE A 63 -15.50 33.01 -9.55
C PHE A 63 -15.22 34.35 -10.19
N THR A 64 -14.60 35.25 -9.44
CA THR A 64 -13.90 36.44 -9.96
C THR A 64 -12.42 36.08 -9.99
N ALA A 65 -11.63 36.77 -10.83
CA ALA A 65 -10.21 36.50 -11.03
C ALA A 65 -9.57 37.70 -11.70
N THR A 66 -8.39 38.04 -11.20
CA THR A 66 -7.39 38.94 -11.83
C THR A 66 -6.43 38.01 -12.60
N VAL A 67 -6.27 38.27 -13.90
CA VAL A 67 -5.27 37.62 -14.81
C VAL A 67 -3.99 38.47 -14.85
N ARG A 68 -2.87 37.85 -14.57
CA ARG A 68 -1.58 38.53 -14.33
C ARG A 68 -0.60 37.90 -15.31
N ALA A 69 0.64 38.36 -15.33
CA ALA A 69 1.67 37.93 -16.31
C ALA A 69 1.88 36.42 -16.15
N LEU A 70 2.32 35.77 -17.24
CA LEU A 70 2.47 34.31 -17.42
C LEU A 70 1.12 33.64 -17.25
N ASP A 71 0.05 34.34 -17.69
CA ASP A 71 -1.32 33.79 -17.78
C ASP A 71 -1.64 33.12 -16.42
N HIS A 72 -1.42 33.89 -15.34
CA HIS A 72 -1.71 33.52 -13.94
C HIS A 72 -3.11 34.01 -13.55
N TRP A 73 -3.96 33.07 -13.17
CA TRP A 73 -5.36 33.35 -12.80
C TRP A 73 -5.40 33.45 -11.30
N GLN A 74 -5.34 34.67 -10.78
CA GLN A 74 -5.54 34.94 -9.34
C GLN A 74 -7.02 34.81 -9.02
N VAL A 75 -7.52 33.57 -8.95
CA VAL A 75 -8.94 33.26 -8.61
C VAL A 75 -9.17 33.62 -7.14
N ASP A 76 -10.23 34.39 -6.87
CA ASP A 76 -10.68 34.84 -5.52
CA ASP A 76 -10.62 34.83 -5.50
C ASP A 76 -11.43 33.68 -4.86
N ALA A 77 -10.79 33.00 -3.90
CA ALA A 77 -11.34 31.87 -3.12
C ALA A 77 -12.76 32.17 -2.67
N ALA A 78 -13.00 33.33 -2.05
CA ALA A 78 -14.31 33.76 -1.50
C ALA A 78 -15.40 33.78 -2.58
N SER A 79 -15.03 34.01 -3.84
CA SER A 79 -15.99 34.16 -4.96
C SER A 79 -16.42 32.80 -5.55
N VAL A 80 -15.79 31.67 -5.18
CA VAL A 80 -16.09 30.41 -5.92
C VAL A 80 -17.48 29.98 -5.52
N THR A 81 -18.38 29.88 -6.49
CA THR A 81 -19.73 29.34 -6.27
C THR A 81 -19.92 28.22 -7.29
N ARG A 82 -20.81 27.27 -6.99
CA ARG A 82 -21.13 26.10 -7.87
C ARG A 82 -22.64 25.91 -7.94
N HIS A 83 -23.16 25.75 -9.15
CA HIS A 83 -24.61 25.80 -9.45
C HIS A 83 -25.03 24.62 -10.32
N ARG A 84 -26.29 24.24 -10.22
CA ARG A 84 -26.87 23.09 -10.97
C ARG A 84 -28.39 23.24 -11.02
N ASP A 85 -28.97 23.17 -12.22
CA ASP A 85 -30.44 23.14 -12.39
C ASP A 85 -31.02 24.19 -11.43
N GLY A 86 -30.51 25.41 -11.48
CA GLY A 86 -31.11 26.58 -10.83
C GLY A 86 -30.59 26.87 -9.43
N ALA A 87 -29.96 25.90 -8.76
CA ALA A 87 -29.67 25.97 -7.31
C ALA A 87 -28.18 25.76 -7.02
N GLU A 88 -27.74 26.31 -5.89
CA GLU A 88 -26.33 26.39 -5.44
C GLU A 88 -26.01 25.07 -4.75
N LEU A 89 -24.85 24.44 -5.03
CA LEU A 89 -24.31 23.26 -4.27
C LEU A 89 -23.12 23.71 -3.43
N PRO A 90 -22.68 22.96 -2.40
CA PRO A 90 -21.43 23.28 -1.71
C PRO A 90 -20.19 22.87 -2.51
N LEU A 91 -19.07 23.52 -2.22
CA LEU A 91 -17.79 23.21 -2.88
C LEU A 91 -17.29 21.86 -2.36
N ALA A 92 -17.12 20.89 -3.25
CA ALA A 92 -16.51 19.57 -2.97
C ALA A 92 -15.49 19.24 -4.07
N ALA A 93 -14.21 19.23 -3.71
CA ALA A 93 -13.13 18.86 -4.62
C ALA A 93 -13.33 17.45 -5.25
N LEU A 94 -13.70 16.44 -4.48
CA LEU A 94 -13.85 15.10 -5.10
C LEU A 94 -14.84 15.21 -6.26
N ASP A 95 -15.95 15.94 -6.07
CA ASP A 95 -17.07 16.06 -7.05
C ASP A 95 -16.59 16.80 -8.30
N PHE A 96 -15.88 17.92 -8.09
CA PHE A 96 -15.20 18.74 -9.12
C PHE A 96 -14.32 17.89 -10.03
N PHE A 97 -13.47 17.04 -9.44
CA PHE A 97 -12.67 16.04 -10.20
C PHE A 97 -13.55 15.01 -10.92
N ILE A 98 -14.65 14.52 -10.34
CA ILE A 98 -15.50 13.51 -11.02
C ILE A 98 -16.15 14.21 -12.24
N GLU A 99 -16.77 15.40 -12.05
CA GLU A 99 -17.47 16.25 -13.03
C GLU A 99 -16.59 16.67 -14.23
N LEU A 100 -15.28 16.80 -14.06
CA LEU A 100 -14.31 17.26 -15.10
C LEU A 100 -13.28 16.17 -15.39
N LYS A 101 -13.57 14.93 -15.01
CA LYS A 101 -12.74 13.72 -15.30
C LYS A 101 -12.25 13.78 -16.78
N GLN A 102 -13.15 13.86 -17.77
CA GLN A 102 -12.73 13.78 -19.20
C GLN A 102 -11.90 15.02 -19.58
N THR A 103 -12.36 16.20 -19.14
CA THR A 103 -11.76 17.52 -19.40
C THR A 103 -10.29 17.54 -18.99
N LEU A 104 -9.95 16.85 -17.90
CA LEU A 104 -8.60 16.94 -17.30
C LEU A 104 -7.79 15.72 -17.71
N GLY A 105 -8.31 14.94 -18.67
CA GLY A 105 -7.67 13.67 -19.08
C GLY A 105 -7.32 12.84 -17.86
N LEU A 106 -8.25 12.69 -16.92
CA LEU A 106 -8.17 11.72 -15.79
C LEU A 106 -8.77 10.40 -16.25
N SER A 107 -7.95 9.35 -16.36
CA SER A 107 -8.33 8.03 -16.91
C SER A 107 -9.10 7.27 -15.83
N ASP A 108 -9.89 6.27 -16.21
CA ASP A 108 -10.56 5.37 -15.24
C ASP A 108 -9.53 4.80 -14.26
N GLU A 109 -8.34 4.40 -14.71
CA GLU A 109 -7.35 3.71 -13.82
C GLU A 109 -6.89 4.71 -12.76
N ILE A 110 -6.75 5.98 -13.14
CA ILE A 110 -6.02 6.98 -12.33
C ILE A 110 -6.98 7.66 -11.35
N LEU A 111 -8.22 7.97 -11.76
CA LEU A 111 -9.16 8.84 -11.01
C LEU A 111 -9.33 8.48 -9.51
N PRO A 112 -9.56 7.20 -9.15
CA PRO A 112 -9.73 6.86 -7.74
C PRO A 112 -8.50 7.17 -6.91
N VAL A 113 -7.29 6.88 -7.44
CA VAL A 113 -6.03 7.15 -6.69
C VAL A 113 -5.89 8.68 -6.59
N TYR A 114 -6.02 9.39 -7.70
CA TYR A 114 -5.98 10.88 -7.69
C TYR A 114 -6.88 11.43 -6.58
N LEU A 115 -8.13 10.94 -6.50
CA LEU A 115 -9.13 11.36 -5.49
C LEU A 115 -8.60 11.04 -4.09
N GLU A 116 -7.88 9.94 -3.97
CA GLU A 116 -7.33 9.52 -2.66
C GLU A 116 -6.21 10.48 -2.25
N GLU A 117 -5.47 11.00 -3.22
CA GLU A 117 -4.45 12.05 -3.01
C GLU A 117 -5.06 13.43 -2.76
N ILE A 118 -6.14 13.76 -3.43
CA ILE A 118 -6.93 15.00 -3.13
C ILE A 118 -7.46 14.93 -1.67
N SER A 119 -8.04 13.81 -1.26
CA SER A 119 -8.56 13.59 0.11
C SER A 119 -7.47 13.86 1.17
N SER A 120 -6.26 13.35 0.93
CA SER A 120 -5.07 13.40 1.81
C SER A 120 -4.51 14.82 1.85
N THR A 121 -4.42 15.46 0.70
CA THR A 121 -4.12 16.93 0.62
C THR A 121 -5.14 17.75 1.44
N LEU A 122 -6.44 17.47 1.35
CA LEU A 122 -7.48 18.24 2.08
C LEU A 122 -7.34 18.02 3.61
N SER A 123 -7.09 16.79 4.06
CA SER A 123 -6.81 16.42 5.47
C SER A 123 -5.63 17.22 5.99
N GLY A 124 -4.58 17.29 5.15
CA GLY A 124 -3.41 18.18 5.36
C GLY A 124 -3.83 19.60 5.74
N THR A 125 -4.60 20.20 4.84
CA THR A 125 -5.14 21.58 5.04
C THR A 125 -5.90 21.69 6.34
N CYS A 126 -6.70 20.67 6.67
CA CYS A 126 -7.51 20.62 7.90
C CYS A 126 -6.58 20.62 9.12
N TYR A 127 -5.52 19.80 9.08
CA TYR A 127 -4.58 19.64 10.21
C TYR A 127 -3.85 20.98 10.43
N LYS A 128 -3.38 21.50 9.31
CA LYS A 128 -2.72 22.82 9.24
C LYS A 128 -3.65 23.91 9.77
N LEU A 129 -4.97 23.85 9.56
CA LEU A 129 -5.87 24.94 10.00
C LEU A 129 -6.10 24.85 11.51
N THR A 130 -5.69 23.78 12.18
CA THR A 130 -5.87 23.65 13.66
C THR A 130 -4.66 24.22 14.38
N LYS A 131 -3.58 24.50 13.65
CA LYS A 131 -2.31 24.96 14.23
C LYS A 131 -2.48 26.41 14.63
N PRO A 132 -1.59 26.90 15.51
CA PRO A 132 -1.60 28.32 15.89
C PRO A 132 -1.38 29.12 14.61
N GLN A 133 -2.27 30.07 14.28
CA GLN A 133 -2.29 30.69 12.92
C GLN A 133 -1.32 31.89 12.93
N LEU A 134 -0.03 31.67 12.67
CA LEU A 134 1.01 32.73 12.72
C LEU A 134 0.84 33.67 11.53
N SER A 135 0.91 34.98 11.75
CA SER A 135 1.05 36.00 10.68
C SER A 135 2.43 35.86 10.00
N SER A 136 2.53 36.26 8.74
CA SER A 136 3.80 36.33 7.99
C SER A 136 4.76 37.26 8.73
N ALA A 137 4.27 38.31 9.37
CA ALA A 137 5.05 39.13 10.33
C ALA A 137 5.61 38.23 11.44
N GLU A 138 4.78 37.60 12.28
CA GLU A 138 5.30 36.87 13.45
C GLU A 138 6.44 35.95 12.98
N LEU A 139 6.26 35.25 11.87
CA LEU A 139 7.20 34.24 11.29
C LEU A 139 8.52 34.92 10.87
N ALA A 140 8.43 35.92 10.01
CA ALA A 140 9.57 36.76 9.54
C ALA A 140 10.41 37.19 10.75
N ARG A 141 9.76 37.75 11.78
CA ARG A 141 10.34 38.19 13.08
C ARG A 141 11.01 37.00 13.82
N SER A 142 10.38 35.81 13.86
CA SER A 142 10.83 34.62 14.63
C SER A 142 12.33 34.34 14.45
N GLY A 143 12.88 34.41 13.22
CA GLY A 143 14.29 34.07 12.93
C GLY A 143 14.57 32.56 13.00
N ASP A 144 13.53 31.75 13.26
CA ASP A 144 13.63 30.29 13.50
C ASP A 144 13.47 29.58 12.16
N PHE A 145 14.57 28.95 11.73
CA PHE A 145 14.72 28.17 10.49
C PHE A 145 13.61 27.12 10.37
N GLN A 146 13.42 26.35 11.44
CA GLN A 146 12.50 25.19 11.47
C GLN A 146 11.07 25.67 11.71
N ALA A 147 10.83 26.83 12.34
CA ALA A 147 9.47 27.39 12.53
C ALA A 147 8.91 27.81 11.16
N VAL A 148 9.77 28.16 10.24
CA VAL A 148 9.41 28.56 8.86
C VAL A 148 9.23 27.29 8.02
N GLU A 149 10.16 26.32 8.14
CA GLU A 149 10.16 25.00 7.43
C GLU A 149 8.80 24.34 7.66
N THR A 150 8.40 24.24 8.93
CA THR A 150 7.22 23.45 9.36
C THR A 150 5.97 24.32 9.35
N GLY A 151 6.14 25.63 9.11
CA GLY A 151 5.09 26.65 9.04
C GLY A 151 4.56 26.85 7.64
N MET A 152 5.24 26.35 6.63
CA MET A 152 4.71 26.41 5.25
C MET A 152 3.44 25.55 5.17
N THR A 153 2.42 26.05 4.47
CA THR A 153 1.10 25.43 4.27
C THR A 153 0.91 25.06 2.80
N GLU A 154 1.40 25.87 1.87
CA GLU A 154 1.01 25.67 0.45
C GLU A 154 1.61 24.37 -0.10
N GLY A 155 2.91 24.11 0.10
CA GLY A 155 3.64 23.10 -0.69
C GLY A 155 3.85 23.57 -2.12
N HIS A 156 4.12 22.67 -3.08
CA HIS A 156 4.44 23.11 -4.45
C HIS A 156 3.27 23.96 -4.95
N PRO A 157 3.50 25.12 -5.59
CA PRO A 157 2.42 26.04 -5.92
C PRO A 157 1.66 25.71 -7.22
N CYS A 158 2.26 24.91 -8.11
CA CYS A 158 1.58 24.48 -9.37
C CYS A 158 0.70 23.26 -9.07
N PHE A 159 1.24 22.23 -8.42
CA PHE A 159 0.56 20.91 -8.27
C PHE A 159 -0.63 21.03 -7.33
N VAL A 160 -1.80 20.61 -7.80
CA VAL A 160 -3.07 20.69 -7.00
C VAL A 160 -3.10 19.56 -5.97
N ALA A 161 -2.81 18.34 -6.44
CA ALA A 161 -2.58 17.11 -5.65
C ALA A 161 -1.11 17.06 -5.18
N ASN A 162 -0.74 17.90 -4.22
CA ASN A 162 0.69 18.14 -3.92
C ASN A 162 1.08 17.51 -2.58
N ASN A 163 0.16 17.33 -1.62
CA ASN A 163 0.55 16.88 -0.25
C ASN A 163 -0.15 15.56 0.09
N GLY A 164 0.03 14.58 -0.79
CA GLY A 164 -0.61 13.25 -0.79
C GLY A 164 -0.15 12.36 0.37
N ARG A 165 1.14 12.07 0.47
CA ARG A 165 1.61 11.19 1.59
C ARG A 165 0.76 9.90 1.66
N LEU A 166 0.38 9.33 0.51
CA LEU A 166 -0.29 8.00 0.53
C LEU A 166 0.75 6.92 0.91
N GLY A 167 0.32 6.00 1.78
CA GLY A 167 1.16 5.10 2.60
C GLY A 167 1.01 5.38 4.11
N PHE A 168 0.91 6.65 4.50
CA PHE A 168 0.78 7.06 5.92
C PHE A 168 -0.66 6.81 6.36
N GLY A 169 -0.81 5.96 7.36
CA GLY A 169 -2.04 5.92 8.15
C GLY A 169 -2.15 7.24 8.85
N ILE A 170 -3.31 7.57 9.39
CA ILE A 170 -3.54 8.89 10.05
C ILE A 170 -2.60 9.02 11.28
N HIS A 171 -2.30 7.93 11.99
CA HIS A 171 -1.33 7.91 13.12
C HIS A 171 0.09 8.25 12.61
N GLU A 172 0.38 7.87 11.37
CA GLU A 172 1.69 8.05 10.73
C GLU A 172 1.77 9.48 10.19
N TYR A 173 0.74 9.97 9.51
CA TYR A 173 0.59 11.41 9.22
C TYR A 173 0.94 12.21 10.50
N LEU A 174 0.19 11.99 11.57
CA LEU A 174 0.44 12.69 12.84
C LEU A 174 1.90 12.52 13.28
N SER A 175 2.60 11.43 12.95
CA SER A 175 3.97 11.19 13.43
C SER A 175 5.03 11.82 12.53
N TYR A 176 4.82 11.76 11.21
CA TYR A 176 5.90 11.89 10.19
C TYR A 176 5.76 13.12 9.27
N ALA A 177 4.56 13.68 9.13
CA ALA A 177 4.34 14.83 8.22
C ALA A 177 5.12 16.05 8.72
N PRO A 178 5.84 16.75 7.84
CA PRO A 178 6.59 17.92 8.29
C PRO A 178 5.74 19.01 8.97
N GLU A 179 4.48 19.26 8.54
CA GLU A 179 3.64 20.37 9.06
C GLU A 179 3.24 20.10 10.53
N THR A 180 3.43 18.87 11.03
CA THR A 180 3.11 18.50 12.42
C THR A 180 4.27 18.86 13.33
N ALA A 181 5.49 18.92 12.81
CA ALA A 181 6.72 19.21 13.57
C ALA A 181 6.86 18.22 14.72
N SER A 182 6.53 16.96 14.50
CA SER A 182 6.82 15.88 15.46
C SER A 182 8.30 15.49 15.43
N PRO A 183 8.97 15.46 16.61
CA PRO A 183 10.31 14.88 16.73
C PRO A 183 10.29 13.43 16.21
N VAL A 184 11.20 13.05 15.32
CA VAL A 184 11.33 11.63 14.86
C VAL A 184 12.70 11.11 15.30
N ARG A 185 12.77 9.89 15.81
CA ARG A 185 14.08 9.20 16.03
C ARG A 185 14.27 8.27 14.83
N LEU A 186 15.45 8.37 14.22
CA LEU A 186 15.81 7.47 13.12
C LEU A 186 16.06 6.09 13.72
N VAL A 187 15.79 5.07 12.90
CA VAL A 187 16.09 3.65 13.23
C VAL A 187 17.36 3.31 12.46
N TRP A 188 18.31 2.74 13.17
CA TRP A 188 19.67 2.43 12.69
C TRP A 188 19.73 0.93 12.43
N LEU A 189 20.29 0.58 11.26
CA LEU A 189 20.48 -0.81 10.78
C LEU A 189 22.00 -1.04 10.58
N ALA A 190 22.48 -2.22 10.92
CA ALA A 190 23.80 -2.71 10.49
C ALA A 190 23.55 -3.46 9.19
N ALA A 191 24.16 -3.06 8.10
CA ALA A 191 24.01 -3.71 6.79
C ALA A 191 25.35 -4.35 6.38
N HIS A 192 25.33 -5.67 6.09
CA HIS A 192 26.48 -6.50 5.66
C HIS A 192 27.11 -5.89 4.40
N ARG A 193 28.47 -5.87 4.36
CA ARG A 193 29.28 -5.25 3.28
C ARG A 193 29.20 -6.05 1.96
N SER A 194 28.62 -7.26 1.99
CA SER A 194 28.34 -8.04 0.75
C SER A 194 27.26 -7.32 -0.06
N ARG A 195 26.42 -6.49 0.57
CA ARG A 195 25.26 -5.84 -0.09
C ARG A 195 25.19 -4.32 0.15
N ALA A 196 26.06 -3.76 0.99
CA ALA A 196 25.97 -2.34 1.35
C ALA A 196 27.32 -1.66 1.08
N ALA A 197 27.23 -0.45 0.57
CA ALA A 197 28.41 0.35 0.23
C ALA A 197 28.16 1.76 0.74
N PHE A 198 29.12 2.25 1.53
CA PHE A 198 29.37 3.65 1.94
C PHE A 198 30.24 4.33 0.90
N THR A 199 29.93 5.59 0.64
CA THR A 199 30.69 6.50 -0.26
C THR A 199 30.86 7.80 0.50
N ALA A 200 32.09 8.35 0.49
CA ALA A 200 32.56 9.59 1.18
C ALA A 200 32.91 10.67 0.17
N GLY A 201 32.59 11.93 0.47
CA GLY A 201 33.16 13.10 -0.25
C GLY A 201 34.59 13.31 0.14
N VAL A 202 35.23 14.38 -0.33
CA VAL A 202 36.57 14.79 0.18
C VAL A 202 36.46 15.14 1.68
N GLY A 203 37.39 14.64 2.50
CA GLY A 203 37.52 14.96 3.92
C GLY A 203 36.69 14.03 4.80
N ILE A 204 35.92 13.13 4.19
CA ILE A 204 35.05 12.23 4.98
C ILE A 204 35.76 10.89 5.15
N GLU A 205 35.87 10.42 6.40
CA GLU A 205 36.30 9.04 6.71
C GLU A 205 35.18 8.36 7.51
N TYR A 206 34.92 7.10 7.20
CA TYR A 206 33.71 6.38 7.65
C TYR A 206 33.61 6.35 9.18
N GLU A 207 34.63 5.89 9.87
CA GLU A 207 34.62 5.67 11.33
C GLU A 207 34.40 7.01 12.04
N SER A 208 35.23 8.01 11.68
CA SER A 208 35.18 9.35 12.33
C SER A 208 33.80 9.96 12.06
N PHE A 209 33.29 9.77 10.83
CA PHE A 209 31.99 10.31 10.36
C PHE A 209 30.89 9.85 11.31
N VAL A 210 30.73 8.54 11.47
CA VAL A 210 29.61 7.97 12.26
C VAL A 210 29.82 8.35 13.73
N ARG A 211 31.08 8.46 14.17
CA ARG A 211 31.43 8.92 15.53
C ARG A 211 30.92 10.35 15.70
N ASP A 212 31.09 11.22 14.71
CA ASP A 212 30.61 12.63 14.83
C ASP A 212 29.08 12.66 14.84
N GLU A 213 28.44 11.79 14.07
CA GLU A 213 26.98 11.82 13.85
C GLU A 213 26.28 11.21 15.08
N LEU A 214 26.72 10.00 15.52
CA LEU A 214 26.03 9.24 16.61
C LEU A 214 26.67 9.48 18.00
N GLY A 215 27.96 9.83 18.07
CA GLY A 215 28.77 9.78 19.29
C GLY A 215 29.31 8.40 19.58
N ALA A 216 30.54 8.35 20.09
CA ALA A 216 31.39 7.15 20.27
C ALA A 216 30.67 6.09 21.12
N ALA A 217 29.87 6.56 22.07
CA ALA A 217 29.13 5.72 23.04
C ALA A 217 28.04 4.95 22.31
N THR A 218 27.32 5.65 21.43
CA THR A 218 26.21 5.07 20.63
C THR A 218 26.82 4.06 19.64
N VAL A 219 28.02 4.33 19.12
CA VAL A 219 28.76 3.40 18.22
C VAL A 219 29.19 2.15 19.01
N ASP A 220 29.80 2.32 20.20
CA ASP A 220 30.18 1.22 21.13
C ASP A 220 28.95 0.34 21.40
N ARG A 221 27.85 0.92 21.90
CA ARG A 221 26.57 0.20 22.14
C ARG A 221 26.19 -0.58 20.86
N PHE A 222 26.14 0.11 19.70
CA PHE A 222 25.82 -0.51 18.38
C PHE A 222 26.77 -1.69 18.13
N HIS A 223 28.10 -1.48 18.23
CA HIS A 223 29.11 -2.57 18.07
C HIS A 223 28.73 -3.78 18.97
N GLY A 224 28.30 -3.52 20.21
CA GLY A 224 28.00 -4.53 21.24
C GLY A 224 26.76 -5.33 20.89
N VAL A 225 25.77 -4.70 20.29
CA VAL A 225 24.57 -5.41 19.76
C VAL A 225 25.02 -6.47 18.79
N LEU A 226 25.92 -6.13 17.87
CA LEU A 226 26.46 -7.06 16.85
C LEU A 226 27.23 -8.19 17.54
N ARG A 227 28.18 -7.87 18.42
CA ARG A 227 28.99 -8.88 19.14
C ARG A 227 28.08 -9.83 19.94
N GLY A 228 27.00 -9.33 20.56
CA GLY A 228 26.07 -10.13 21.37
C GLY A 228 25.32 -11.17 20.54
N ARG A 229 25.30 -10.98 19.22
CA ARG A 229 24.62 -11.84 18.22
C ARG A 229 25.62 -12.69 17.43
N GLY A 230 26.91 -12.63 17.78
CA GLY A 230 27.94 -13.50 17.18
C GLY A 230 28.61 -12.86 15.99
N LEU A 231 28.28 -11.60 15.71
CA LEU A 231 28.63 -10.90 14.44
C LEU A 231 29.81 -9.98 14.69
N ASP A 232 30.62 -9.78 13.65
CA ASP A 232 31.82 -8.92 13.62
C ASP A 232 31.40 -7.55 13.11
N PRO A 233 31.44 -6.48 13.94
CA PRO A 233 31.08 -5.14 13.46
C PRO A 233 31.80 -4.75 12.15
N ALA A 234 33.00 -5.28 11.92
CA ALA A 234 33.86 -4.96 10.75
C ALA A 234 33.10 -5.32 9.47
N ASP A 235 32.16 -6.26 9.56
CA ASP A 235 31.48 -6.88 8.39
C ASP A 235 30.26 -6.00 8.03
N TYR A 236 30.03 -4.87 8.71
CA TYR A 236 28.76 -4.08 8.62
C TYR A 236 28.99 -2.57 8.61
N LEU A 237 28.01 -1.88 8.03
CA LEU A 237 27.94 -0.42 7.77
C LEU A 237 26.61 0.09 8.32
N LEU A 238 26.63 1.22 8.99
CA LEU A 238 25.45 1.80 9.63
C LEU A 238 24.58 2.46 8.55
N ILE A 239 23.29 2.12 8.50
CA ILE A 239 22.29 2.77 7.61
C ILE A 239 21.13 3.27 8.46
N PRO A 240 20.90 4.58 8.54
CA PRO A 240 19.71 5.10 9.21
C PRO A 240 18.52 5.05 8.24
N VAL A 241 17.34 4.72 8.76
CA VAL A 241 16.10 4.56 7.97
C VAL A 241 14.97 5.30 8.65
N HIS A 242 13.99 5.70 7.84
CA HIS A 242 12.72 6.30 8.31
C HIS A 242 11.96 5.23 9.05
N PRO A 243 11.49 5.46 10.29
CA PRO A 243 10.83 4.38 11.02
C PRO A 243 9.66 3.82 10.19
N TRP A 244 8.93 4.65 9.46
CA TRP A 244 7.87 4.12 8.56
C TRP A 244 8.46 3.03 7.65
N GLN A 245 9.63 3.26 7.05
CA GLN A 245 10.24 2.34 6.05
C GLN A 245 10.60 1.02 6.74
N TRP A 246 11.08 1.10 7.98
CA TRP A 246 11.47 -0.08 8.80
C TRP A 246 10.24 -0.93 9.08
N TRP A 247 9.25 -0.34 9.73
CA TRP A 247 8.11 -1.08 10.32
C TRP A 247 7.20 -1.58 9.20
N ASN A 248 7.01 -0.80 8.11
CA ASN A 248 6.02 -1.13 7.03
C ASN A 248 6.65 -1.78 5.79
N LYS A 249 7.93 -1.62 5.56
CA LYS A 249 8.57 -2.17 4.34
C LYS A 249 9.71 -3.14 4.70
N LEU A 250 10.70 -2.72 5.49
CA LEU A 250 12.01 -3.44 5.57
C LEU A 250 11.84 -4.77 6.33
N THR A 251 11.03 -4.76 7.36
CA THR A 251 10.64 -5.96 8.16
C THR A 251 9.78 -6.91 7.33
N VAL A 252 9.13 -6.43 6.27
CA VAL A 252 8.21 -7.26 5.47
C VAL A 252 8.85 -7.52 4.11
N THR A 253 8.88 -6.56 3.22
CA THR A 253 9.59 -6.67 1.91
C THR A 253 11.04 -7.20 2.10
N PHE A 254 11.78 -6.77 3.11
CA PHE A 254 13.21 -7.15 3.21
C PHE A 254 13.43 -8.21 4.28
N ALA A 255 12.37 -8.94 4.63
CA ALA A 255 12.39 -9.88 5.77
C ALA A 255 13.53 -10.90 5.65
N ALA A 256 13.83 -11.36 4.43
CA ALA A 256 14.87 -12.38 4.16
C ALA A 256 16.25 -11.85 4.55
N GLU A 257 16.42 -10.54 4.44
CA GLU A 257 17.70 -9.84 4.73
C GLU A 257 17.82 -9.71 6.26
N VAL A 258 16.71 -9.51 6.93
CA VAL A 258 16.72 -9.43 8.41
C VAL A 258 17.02 -10.83 8.94
N ALA A 259 16.29 -11.81 8.44
CA ALA A 259 16.36 -13.19 8.92
C ALA A 259 17.80 -13.72 8.77
N ARG A 260 18.48 -13.35 7.67
CA ARG A 260 19.77 -13.98 7.28
C ARG A 260 20.91 -13.19 7.90
N GLY A 261 20.58 -12.04 8.48
CA GLY A 261 21.52 -11.17 9.22
C GLY A 261 22.27 -10.24 8.28
N HIS A 262 21.72 -10.02 7.10
CA HIS A 262 22.22 -8.98 6.18
C HIS A 262 21.77 -7.61 6.70
N LEU A 263 20.61 -7.52 7.35
CA LEU A 263 20.20 -6.32 8.14
C LEU A 263 19.96 -6.73 9.61
N VAL A 264 20.63 -6.08 10.55
CA VAL A 264 20.41 -6.21 12.02
C VAL A 264 19.87 -4.88 12.55
N CYS A 265 18.76 -4.87 13.28
CA CYS A 265 18.20 -3.66 13.93
C CYS A 265 19.07 -3.30 15.14
N LEU A 266 19.56 -2.08 15.27
CA LEU A 266 20.50 -1.66 16.34
C LEU A 266 19.78 -0.84 17.41
N GLY A 267 18.80 -0.04 16.97
CA GLY A 267 17.86 0.71 17.81
C GLY A 267 17.52 2.06 17.20
N GLU A 268 16.77 2.89 17.92
CA GLU A 268 16.63 4.33 17.63
C GLU A 268 17.98 4.98 17.97
N GLY A 269 18.41 5.97 17.16
CA GLY A 269 19.36 7.04 17.54
C GLY A 269 18.71 8.02 18.51
N ASP A 270 19.52 8.72 19.29
CA ASP A 270 19.05 9.54 20.45
C ASP A 270 18.46 10.85 19.92
N ASP A 271 19.04 11.39 18.86
CA ASP A 271 18.83 12.80 18.45
C ASP A 271 17.44 12.91 17.81
N GLU A 272 16.73 14.01 18.10
CA GLU A 272 15.39 14.28 17.55
C GLU A 272 15.57 15.01 16.21
N TYR A 273 15.00 14.43 15.14
CA TYR A 273 14.91 15.02 13.78
C TYR A 273 13.50 15.56 13.54
N LEU A 274 13.43 16.58 12.67
CA LEU A 274 12.16 17.13 12.13
C LEU A 274 12.10 16.81 10.62
N ALA A 275 11.03 16.20 10.09
CA ALA A 275 10.85 16.07 8.62
C ALA A 275 10.82 17.46 7.99
N GLN A 276 11.49 17.63 6.85
CA GLN A 276 11.51 18.90 6.11
C GLN A 276 10.40 18.84 5.05
N GLN A 277 10.09 19.94 4.39
CA GLN A 277 9.10 19.98 3.27
C GLN A 277 9.24 18.71 2.38
N SER A 278 10.45 18.30 2.08
CA SER A 278 10.77 16.93 1.60
C SER A 278 10.70 16.01 2.80
N ILE A 279 9.66 15.19 2.77
CA ILE A 279 9.09 14.41 3.89
C ILE A 279 10.15 13.42 4.39
N ARG A 280 10.99 12.94 3.50
CA ARG A 280 12.00 11.91 3.85
C ARG A 280 13.35 12.56 4.16
N THR A 281 13.42 13.89 4.21
CA THR A 281 14.67 14.60 4.57
C THR A 281 14.56 15.12 6.02
N PHE A 282 15.55 14.82 6.83
CA PHE A 282 15.48 15.16 8.26
C PHE A 282 16.59 16.14 8.65
N PHE A 283 16.16 17.19 9.33
CA PHE A 283 17.02 18.20 9.96
C PHE A 283 17.21 17.79 11.43
N ASN A 284 18.44 17.74 11.89
CA ASN A 284 18.78 17.35 13.28
C ASN A 284 18.41 18.48 14.25
N ALA A 285 17.29 18.40 14.97
CA ALA A 285 16.81 19.50 15.86
C ALA A 285 17.61 19.56 17.18
N SER A 286 18.02 18.40 17.68
CA SER A 286 18.93 18.26 18.85
C SER A 286 20.25 18.96 18.57
N HIS A 287 20.76 18.83 17.35
CA HIS A 287 22.12 19.30 16.97
C HIS A 287 22.03 19.96 15.61
N PRO A 288 21.60 21.25 15.54
CA PRO A 288 21.22 21.84 14.27
C PRO A 288 22.46 21.78 13.36
N GLY A 289 23.66 21.75 13.95
CA GLY A 289 24.95 21.72 13.23
C GLY A 289 25.26 20.42 12.50
N LYS A 290 24.70 19.29 12.94
CA LYS A 290 25.00 17.93 12.39
C LYS A 290 24.32 17.77 11.03
N HIS A 291 24.60 16.69 10.29
CA HIS A 291 24.08 16.49 8.90
C HIS A 291 22.56 16.24 8.89
N TYR A 292 21.88 16.78 7.91
CA TYR A 292 20.56 16.26 7.50
C TYR A 292 20.76 14.79 7.09
N VAL A 293 19.74 13.96 7.29
CA VAL A 293 19.65 12.57 6.75
C VAL A 293 18.46 12.49 5.79
N LYS A 294 18.75 12.05 4.57
CA LYS A 294 17.74 11.78 3.53
C LYS A 294 17.53 10.26 3.49
N THR A 295 16.26 9.88 3.56
CA THR A 295 15.82 8.47 3.78
C THR A 295 15.06 7.97 2.56
N ALA A 296 15.19 6.67 2.31
CA ALA A 296 14.29 5.83 1.49
C ALA A 296 12.88 5.82 2.14
N LEU A 297 11.85 6.16 1.39
CA LEU A 297 10.46 6.17 1.92
C LEU A 297 9.46 5.79 0.81
N SER A 298 8.99 4.55 0.81
CA SER A 298 8.14 3.95 -0.26
C SER A 298 6.67 4.34 -0.01
N VAL A 299 6.44 5.65 0.01
CA VAL A 299 5.13 6.37 0.09
C VAL A 299 4.90 7.03 -1.29
N LEU A 300 3.64 7.10 -1.81
CA LEU A 300 3.38 8.02 -2.98
C LEU A 300 3.17 9.48 -2.55
N ASN A 301 4.05 10.39 -3.03
CA ASN A 301 3.88 11.88 -3.01
C ASN A 301 4.13 12.50 -4.40
N MET A 302 3.16 13.31 -4.85
CA MET A 302 3.25 14.28 -5.98
C MET A 302 3.86 13.63 -7.25
N GLY A 303 3.43 12.41 -7.60
CA GLY A 303 3.83 11.73 -8.86
C GLY A 303 5.13 10.91 -8.78
N PHE A 304 5.58 10.52 -7.58
CA PHE A 304 6.83 9.73 -7.32
C PHE A 304 6.73 9.04 -5.93
N MET A 305 7.15 7.78 -5.82
CA MET A 305 7.59 7.16 -4.54
C MET A 305 8.81 7.98 -4.08
N GLN A 306 8.86 8.35 -2.78
CA GLN A 306 10.01 9.03 -2.10
C GLN A 306 11.13 8.02 -1.79
N GLY A 307 11.25 6.98 -2.65
CA GLY A 307 12.27 5.93 -2.55
C GLY A 307 13.58 6.63 -2.80
N LEU A 308 14.69 5.96 -2.53
CA LEU A 308 16.04 6.54 -2.72
C LEU A 308 16.91 5.48 -3.35
N SER A 309 17.51 5.80 -4.49
CA SER A 309 18.28 4.84 -5.32
C SER A 309 19.59 4.52 -4.61
N ALA A 310 19.86 3.23 -4.41
CA ALA A 310 21.16 2.69 -4.02
C ALA A 310 22.13 3.01 -5.13
N ALA A 311 21.68 2.90 -6.37
CA ALA A 311 22.54 2.86 -7.57
C ALA A 311 23.24 4.21 -7.78
N TYR A 312 22.62 5.31 -7.34
CA TYR A 312 23.11 6.67 -7.62
C TYR A 312 23.94 7.17 -6.42
N MET A 313 24.08 6.40 -5.33
CA MET A 313 24.84 6.88 -4.13
C MET A 313 26.35 6.87 -4.46
N GLU A 314 26.85 5.89 -5.21
CA GLU A 314 28.28 5.76 -5.58
C GLU A 314 28.83 7.13 -6.05
N ALA A 315 28.05 7.89 -6.82
CA ALA A 315 28.53 9.12 -7.50
C ALA A 315 28.09 10.37 -6.71
N THR A 316 27.33 10.24 -5.65
CA THR A 316 26.61 11.42 -5.10
C THR A 316 27.61 12.42 -4.53
N PRO A 317 28.46 11.98 -3.59
CA PRO A 317 29.44 12.89 -2.99
C PRO A 317 30.40 13.48 -4.03
N ALA A 318 30.82 12.69 -5.02
CA ALA A 318 31.74 13.19 -6.06
C ALA A 318 31.07 14.32 -6.86
N ILE A 319 29.77 14.22 -7.15
CA ILE A 319 29.02 15.26 -7.93
C ILE A 319 28.96 16.55 -7.13
N ASN A 320 28.76 16.43 -5.81
CA ASN A 320 28.69 17.57 -4.88
C ASN A 320 30.03 18.27 -4.80
N ASP A 321 31.13 17.52 -4.80
CA ASP A 321 32.49 18.05 -4.56
C ASP A 321 32.97 18.78 -5.82
N TRP A 322 32.72 18.20 -6.99
CA TRP A 322 32.92 18.82 -8.32
C TRP A 322 32.18 20.15 -8.30
N LEU A 323 30.86 20.17 -8.02
CA LEU A 323 30.09 21.43 -8.09
C LEU A 323 30.68 22.44 -7.10
N ALA A 324 30.98 22.03 -5.86
CA ALA A 324 31.39 22.97 -4.78
C ALA A 324 32.66 23.71 -5.24
N ARG A 325 33.65 22.93 -5.69
CA ARG A 325 34.94 23.38 -6.23
C ARG A 325 34.72 24.29 -7.44
N LEU A 326 33.69 24.01 -8.23
CA LEU A 326 33.47 24.77 -9.49
C LEU A 326 33.01 26.18 -9.11
N ILE A 327 32.09 26.23 -8.15
CA ILE A 327 31.52 27.49 -7.56
C ILE A 327 32.65 28.33 -6.93
N GLU A 328 33.54 27.66 -6.20
CA GLU A 328 34.70 28.30 -5.56
C GLU A 328 35.58 28.95 -6.64
N GLY A 329 35.64 28.37 -7.83
CA GLY A 329 36.58 28.77 -8.90
C GLY A 329 36.09 29.92 -9.77
N ASP A 330 34.80 30.26 -9.75
CA ASP A 330 34.13 31.15 -10.73
C ASP A 330 33.89 32.53 -10.09
N PRO A 331 34.59 33.58 -10.58
CA PRO A 331 34.44 34.94 -10.05
C PRO A 331 33.00 35.43 -9.90
N VAL A 332 32.17 35.15 -10.92
CA VAL A 332 30.75 35.58 -10.91
C VAL A 332 29.98 34.84 -9.82
N LEU A 333 30.05 33.52 -9.75
CA LEU A 333 29.36 32.80 -8.65
C LEU A 333 29.98 33.22 -7.31
N LYS A 334 31.26 33.52 -7.21
CA LYS A 334 31.82 34.01 -5.93
C LYS A 334 31.19 35.36 -5.52
N GLU A 335 30.90 36.27 -6.46
CA GLU A 335 30.34 37.63 -6.15
C GLU A 335 28.88 37.50 -5.69
N THR A 336 28.12 36.57 -6.27
CA THR A 336 26.70 36.27 -5.91
C THR A 336 26.57 35.68 -4.50
N GLY A 337 27.61 35.05 -3.97
CA GLY A 337 27.64 34.44 -2.63
C GLY A 337 27.07 33.03 -2.58
N LEU A 338 26.75 32.43 -3.73
CA LEU A 338 26.26 31.02 -3.85
C LEU A 338 27.12 30.08 -3.02
N SER A 339 26.47 29.12 -2.39
CA SER A 339 27.14 27.93 -1.81
C SER A 339 26.15 26.79 -1.97
N ILE A 340 26.59 25.57 -1.73
CA ILE A 340 25.67 24.41 -1.67
C ILE A 340 25.90 23.85 -0.30
N ILE A 341 24.91 23.16 0.21
CA ILE A 341 25.17 22.22 1.31
C ILE A 341 25.35 20.88 0.62
N ARG A 342 26.57 20.37 0.69
CA ARG A 342 26.94 19.14 -0.01
C ARG A 342 26.25 17.91 0.58
N GLU A 343 25.93 16.97 -0.30
CA GLU A 343 25.82 15.54 0.07
C GLU A 343 27.22 14.97 0.28
N ARG A 344 27.54 14.75 1.55
CA ARG A 344 28.90 14.51 2.07
C ARG A 344 29.17 13.00 2.11
N ALA A 345 28.16 12.23 2.48
CA ALA A 345 28.20 10.76 2.63
C ALA A 345 26.90 10.15 2.09
N ALA A 346 27.01 8.92 1.60
CA ALA A 346 25.87 8.12 1.16
C ALA A 346 26.18 6.63 1.36
N VAL A 347 25.10 5.89 1.60
CA VAL A 347 25.13 4.42 1.79
C VAL A 347 23.99 3.83 0.95
N GLY A 348 24.33 2.82 0.16
CA GLY A 348 23.34 2.09 -0.66
C GLY A 348 23.31 0.63 -0.26
N TYR A 349 22.09 0.07 -0.23
CA TYR A 349 21.82 -1.39 -0.07
C TYR A 349 21.22 -1.99 -1.37
N ARG A 350 21.95 -2.96 -1.92
CA ARG A 350 21.51 -3.74 -3.09
C ARG A 350 20.90 -5.06 -2.62
N HIS A 351 19.57 -5.14 -2.64
CA HIS A 351 18.80 -6.39 -2.47
C HIS A 351 19.08 -7.26 -3.70
N LEU A 352 19.89 -8.32 -3.56
CA LEU A 352 20.46 -9.00 -4.74
C LEU A 352 19.33 -9.66 -5.50
N GLU A 353 18.33 -10.19 -4.80
CA GLU A 353 17.24 -11.00 -5.39
C GLU A 353 16.22 -10.08 -6.07
N TYR A 354 15.80 -8.98 -5.45
CA TYR A 354 14.85 -8.03 -6.06
C TYR A 354 15.47 -7.45 -7.32
N GLU A 355 16.81 -7.31 -7.32
CA GLU A 355 17.56 -6.79 -8.48
C GLU A 355 17.49 -7.78 -9.68
N GLN A 356 17.64 -9.10 -9.43
CA GLN A 356 17.51 -10.16 -10.44
C GLN A 356 16.08 -10.28 -10.98
N ALA A 357 15.08 -9.87 -10.18
CA ALA A 357 13.63 -9.91 -10.53
C ALA A 357 13.09 -8.59 -11.11
N THR A 358 13.84 -7.50 -11.12
CA THR A 358 13.39 -6.16 -11.57
C THR A 358 14.34 -5.60 -12.63
N ASP A 359 13.95 -4.49 -13.29
CA ASP A 359 14.84 -3.69 -14.17
C ASP A 359 15.35 -2.50 -13.35
N ARG A 360 16.26 -1.72 -13.93
CA ARG A 360 17.02 -0.62 -13.28
C ARG A 360 16.06 0.42 -12.71
N TYR A 361 14.81 0.44 -13.17
CA TYR A 361 13.79 1.47 -12.85
C TYR A 361 12.93 1.08 -11.62
N SER A 362 12.67 -0.20 -11.32
CA SER A 362 11.77 -0.68 -10.24
C SER A 362 11.91 0.08 -8.93
N PRO A 363 10.82 0.37 -8.18
CA PRO A 363 10.92 0.95 -6.84
C PRO A 363 11.44 -0.06 -5.81
N TYR A 364 11.57 -1.35 -6.15
CA TYR A 364 12.13 -2.33 -5.19
C TYR A 364 13.67 -2.17 -5.10
N ARG A 365 14.29 -1.43 -6.02
CA ARG A 365 15.74 -1.15 -5.90
C ARG A 365 15.98 0.14 -5.11
N LYS A 366 14.90 0.77 -4.57
CA LYS A 366 14.90 2.14 -3.95
C LYS A 366 14.52 2.12 -2.46
N MET A 367 14.45 0.96 -1.82
CA MET A 367 13.75 0.86 -0.53
C MET A 367 14.75 1.02 0.62
N LEU A 368 16.05 0.96 0.31
CA LEU A 368 17.15 1.11 1.29
C LEU A 368 18.44 1.77 0.71
N ALA A 369 18.58 3.03 1.09
CA ALA A 369 19.67 3.96 0.75
C ALA A 369 19.50 5.10 1.74
N ALA A 370 20.58 5.87 1.96
CA ALA A 370 20.56 7.09 2.80
C ALA A 370 21.64 8.05 2.32
N LEU A 371 21.44 9.34 2.51
CA LEU A 371 22.60 10.22 2.37
C LEU A 371 22.54 11.26 3.44
N TRP A 372 23.72 11.79 3.73
CA TRP A 372 23.91 12.88 4.73
C TRP A 372 24.33 14.15 4.00
N ARG A 373 23.64 15.23 4.31
CA ARG A 373 23.90 16.53 3.65
C ARG A 373 24.21 17.51 4.77
N GLU A 374 25.31 18.24 4.67
CA GLU A 374 25.73 19.23 5.70
C GLU A 374 24.59 20.25 5.95
N SER A 375 24.48 20.65 7.21
CA SER A 375 23.54 21.68 7.71
C SER A 375 24.06 23.02 7.22
N PRO A 376 23.15 23.95 6.83
CA PRO A 376 23.48 25.35 6.63
C PRO A 376 23.80 26.13 7.93
N VAL A 377 23.45 25.61 9.12
CA VAL A 377 23.49 26.36 10.42
C VAL A 377 24.92 26.77 10.82
N PRO A 378 25.97 25.94 10.68
CA PRO A 378 27.32 26.35 11.08
C PRO A 378 27.84 27.59 10.33
N SER A 379 27.39 27.76 9.08
CA SER A 379 27.92 28.74 8.10
C SER A 379 27.38 30.14 8.40
N ILE A 380 26.32 30.29 9.21
CA ILE A 380 25.70 31.63 9.40
C ILE A 380 26.43 32.37 10.53
N ARG A 381 26.30 33.70 10.52
CA ARG A 381 26.89 34.63 11.51
C ARG A 381 25.73 35.37 12.17
N GLU A 382 25.88 35.79 13.44
CA GLU A 382 24.84 36.55 14.19
C GLU A 382 24.24 37.67 13.29
N GLY A 383 22.94 37.91 13.45
CA GLY A 383 22.09 38.71 12.54
C GLY A 383 21.49 37.84 11.43
N GLU A 384 22.15 36.74 11.08
CA GLU A 384 21.71 35.89 9.96
C GLU A 384 20.78 34.83 10.51
N THR A 385 19.68 34.61 9.80
CA THR A 385 18.72 33.51 10.01
C THR A 385 18.58 32.77 8.67
N LEU A 386 17.99 31.58 8.68
CA LEU A 386 17.77 30.71 7.49
C LEU A 386 16.26 30.59 7.24
N ALA A 387 15.87 30.42 5.97
CA ALA A 387 14.47 30.31 5.52
C ALA A 387 14.38 29.67 4.13
N THR A 388 13.52 28.68 3.99
CA THR A 388 13.31 28.05 2.67
C THR A 388 12.86 29.16 1.73
N MET A 389 13.30 29.03 0.49
CA MET A 389 12.90 29.95 -0.59
C MET A 389 11.39 29.84 -0.71
N ALA A 390 10.79 28.71 -0.38
CA ALA A 390 9.32 28.55 -0.49
C ALA A 390 8.62 29.63 0.34
N SER A 391 9.30 30.11 1.37
CA SER A 391 8.71 31.12 2.28
C SER A 391 8.35 32.35 1.45
N LEU A 392 9.08 32.62 0.37
CA LEU A 392 8.82 33.88 -0.38
C LEU A 392 7.41 33.88 -0.99
N VAL A 393 6.83 32.70 -1.26
CA VAL A 393 5.48 32.58 -1.91
C VAL A 393 4.49 32.10 -0.86
N HIS A 394 4.87 32.11 0.40
CA HIS A 394 3.97 31.81 1.53
C HIS A 394 3.02 33.00 1.68
N GLN A 395 1.72 32.76 1.73
CA GLN A 395 0.75 33.75 2.31
C GLN A 395 0.26 33.20 3.64
N ASP A 396 -0.01 34.05 4.59
CA ASP A 396 -0.63 33.63 5.87
C ASP A 396 -2.17 33.57 5.69
N HIS A 397 -2.85 33.26 6.79
CA HIS A 397 -4.32 33.01 6.83
C HIS A 397 -5.04 34.27 6.35
N GLU A 398 -4.39 35.44 6.33
CA GLU A 398 -5.06 36.70 5.90
C GLU A 398 -4.64 37.16 4.50
N GLY A 399 -3.82 36.39 3.79
CA GLY A 399 -3.36 36.75 2.43
C GLY A 399 -2.04 37.52 2.41
N ALA A 400 -1.44 37.73 3.59
CA ALA A 400 -0.18 38.50 3.77
C ALA A 400 1.01 37.65 3.31
N SER A 401 1.71 38.16 2.32
CA SER A 401 2.96 37.57 1.78
C SER A 401 4.07 37.70 2.81
N PHE A 402 4.85 36.61 2.96
CA PHE A 402 6.07 36.55 3.79
C PHE A 402 7.23 37.31 3.10
N ALA A 403 7.32 37.27 1.76
CA ALA A 403 8.23 38.15 1.00
C ALA A 403 7.91 39.61 1.34
N GLY A 404 6.61 39.97 1.42
CA GLY A 404 6.13 41.32 1.80
C GLY A 404 6.60 41.73 3.18
N ALA A 405 6.57 40.80 4.11
CA ALA A 405 7.02 41.01 5.49
C ALA A 405 8.54 41.17 5.54
N LEU A 406 9.32 40.43 4.73
CA LEU A 406 10.78 40.66 4.66
C LEU A 406 11.01 42.07 4.12
N ILE A 407 10.19 42.48 3.16
CA ILE A 407 10.29 43.82 2.57
C ILE A 407 9.98 44.85 3.67
N GLU A 408 8.80 44.83 4.28
CA GLU A 408 8.43 45.77 5.38
C GLU A 408 9.62 45.84 6.35
N ARG A 409 10.10 44.70 6.82
CA ARG A 409 11.12 44.56 7.90
C ARG A 409 12.48 45.11 7.44
N SER A 410 12.80 44.98 6.14
CA SER A 410 14.11 45.38 5.58
C SER A 410 14.30 46.92 5.60
N GLY A 411 13.20 47.67 5.47
CA GLY A 411 13.23 49.12 5.19
C GLY A 411 13.48 49.44 3.71
N LEU A 412 13.96 48.49 2.90
CA LEU A 412 14.29 48.79 1.50
C LEU A 412 13.00 49.03 0.70
N THR A 413 13.07 49.63 -0.49
CA THR A 413 11.95 49.61 -1.49
C THR A 413 11.76 48.16 -1.95
N PRO A 414 10.54 47.74 -2.32
CA PRO A 414 10.33 46.40 -2.85
C PRO A 414 11.39 46.01 -3.89
N THR A 415 11.70 46.91 -4.83
CA THR A 415 12.62 46.60 -5.94
C THR A 415 14.06 46.41 -5.42
N GLU A 416 14.54 47.28 -4.50
CA GLU A 416 15.91 47.18 -3.90
C GLU A 416 15.95 45.79 -3.27
N TRP A 417 14.87 45.43 -2.56
CA TRP A 417 14.76 44.13 -1.87
C TRP A 417 14.81 43.04 -2.95
N LEU A 418 14.07 43.22 -4.06
CA LEU A 418 14.03 42.22 -5.16
C LEU A 418 15.41 42.00 -5.76
N ARG A 419 16.16 43.09 -5.91
CA ARG A 419 17.51 43.09 -6.48
C ARG A 419 18.42 42.20 -5.60
N HIS A 420 18.45 42.37 -4.27
CA HIS A 420 19.32 41.54 -3.40
C HIS A 420 18.99 40.06 -3.63
N TYR A 421 17.69 39.71 -3.59
CA TYR A 421 17.19 38.33 -3.77
C TYR A 421 17.66 37.84 -5.13
N LEU A 422 17.43 38.62 -6.19
CA LEU A 422 17.63 38.12 -7.56
C LEU A 422 19.13 37.95 -7.84
N ARG A 423 19.99 38.72 -7.18
CA ARG A 423 21.47 38.61 -7.31
C ARG A 423 21.89 37.27 -6.70
N ALA A 424 21.30 36.93 -5.55
CA ALA A 424 21.74 35.81 -4.70
C ALA A 424 21.31 34.48 -5.37
N TYR A 425 20.05 34.44 -5.84
CA TYR A 425 19.32 33.22 -6.22
C TYR A 425 19.36 33.04 -7.75
N TYR A 426 19.11 34.10 -8.50
CA TYR A 426 18.67 34.04 -9.93
C TYR A 426 19.90 34.18 -10.85
N VAL A 427 20.86 35.01 -10.46
CA VAL A 427 22.12 35.26 -11.23
C VAL A 427 22.95 33.98 -11.29
N PRO A 428 23.14 33.22 -10.21
CA PRO A 428 23.96 32.02 -10.29
C PRO A 428 23.36 31.05 -11.31
N LEU A 429 22.02 31.10 -11.46
CA LEU A 429 21.26 30.22 -12.38
C LEU A 429 21.47 30.67 -13.83
N LEU A 430 21.49 31.98 -14.11
CA LEU A 430 21.89 32.52 -15.43
C LEU A 430 23.34 32.12 -15.77
N HIS A 431 24.27 32.30 -14.84
CA HIS A 431 25.72 32.15 -15.14
C HIS A 431 26.01 30.65 -15.26
N SER A 432 25.32 29.81 -14.48
CA SER A 432 25.45 28.32 -14.53
C SER A 432 24.96 27.83 -15.90
N PHE A 433 23.90 28.43 -16.42
CA PHE A 433 23.32 28.04 -17.73
C PHE A 433 24.35 28.35 -18.80
N TYR A 434 24.75 29.61 -18.84
CA TYR A 434 25.40 30.16 -20.04
C TYR A 434 26.88 29.77 -20.03
N ALA A 435 27.51 29.75 -18.86
CA ALA A 435 28.98 29.54 -18.74
C ALA A 435 29.28 28.04 -18.76
N TYR A 436 28.44 27.24 -18.11
CA TYR A 436 28.72 25.81 -17.85
C TYR A 436 27.56 24.92 -18.35
N ASP A 437 26.50 25.41 -18.97
CA ASP A 437 25.45 24.51 -19.52
C ASP A 437 24.76 23.76 -18.35
N LEU A 438 24.97 24.26 -17.11
CA LEU A 438 24.63 23.61 -15.84
C LEU A 438 23.35 24.21 -15.31
N VAL A 439 22.36 23.35 -14.98
CA VAL A 439 21.01 23.74 -14.46
C VAL A 439 20.77 22.90 -13.21
N TYR A 440 19.86 23.35 -12.38
CA TYR A 440 19.49 22.70 -11.11
C TYR A 440 17.98 22.43 -11.18
N MET A 441 17.36 22.19 -10.01
CA MET A 441 15.90 22.20 -9.79
C MET A 441 15.66 23.24 -8.70
N PRO A 442 15.80 24.53 -9.07
CA PRO A 442 15.82 25.63 -8.10
C PRO A 442 14.46 26.17 -7.65
N HIS A 443 13.55 25.26 -7.22
CA HIS A 443 12.23 25.61 -6.64
C HIS A 443 12.36 25.82 -5.13
N GLY A 444 11.24 26.23 -4.54
CA GLY A 444 11.13 26.58 -3.13
C GLY A 444 11.84 25.60 -2.23
N GLU A 445 11.64 24.29 -2.42
CA GLU A 445 12.17 23.21 -1.53
C GLU A 445 13.71 23.13 -1.64
N ASN A 446 14.27 23.44 -2.80
CA ASN A 446 15.68 23.16 -3.16
C ASN A 446 16.63 24.34 -2.88
N VAL A 447 16.10 25.46 -2.37
CA VAL A 447 16.90 26.67 -2.04
C VAL A 447 16.60 27.10 -0.59
N ILE A 448 17.65 27.44 0.16
CA ILE A 448 17.58 28.10 1.48
C ILE A 448 18.20 29.50 1.37
N LEU A 449 17.47 30.52 1.81
CA LEU A 449 17.87 31.94 1.87
C LEU A 449 18.57 32.21 3.22
N VAL A 450 19.68 32.95 3.17
CA VAL A 450 20.33 33.57 4.36
C VAL A 450 19.81 35.00 4.42
N LEU A 451 19.22 35.37 5.54
CA LEU A 451 18.53 36.64 5.71
C LEU A 451 19.28 37.45 6.76
N ALA A 452 19.45 38.74 6.52
CA ALA A 452 20.00 39.71 7.49
C ALA A 452 19.11 40.93 7.41
N ASP A 453 18.43 41.25 8.51
CA ASP A 453 17.59 42.47 8.61
C ASP A 453 16.49 42.41 7.52
N GLY A 454 15.91 41.23 7.27
CA GLY A 454 14.88 41.03 6.24
C GLY A 454 15.43 40.94 4.82
N VAL A 455 16.73 41.10 4.62
CA VAL A 455 17.34 41.10 3.25
C VAL A 455 17.91 39.73 2.96
N VAL A 456 17.80 39.31 1.70
CA VAL A 456 18.46 38.08 1.22
C VAL A 456 19.92 38.39 0.96
N ARG A 457 20.81 37.85 1.77
CA ARG A 457 22.28 38.06 1.69
C ARG A 457 22.89 37.09 0.68
N ARG A 458 22.41 35.85 0.65
CA ARG A 458 22.96 34.76 -0.20
C ARG A 458 21.97 33.59 -0.15
N ALA A 459 22.12 32.67 -1.09
CA ALA A 459 21.24 31.50 -1.29
C ALA A 459 22.11 30.25 -1.26
N VAL A 460 21.56 29.15 -0.74
CA VAL A 460 22.23 27.84 -0.59
C VAL A 460 21.41 26.86 -1.37
N TYR A 461 21.98 26.27 -2.41
CA TYR A 461 21.28 25.22 -3.17
C TYR A 461 21.50 23.93 -2.42
N LYS A 462 20.48 23.07 -2.47
CA LYS A 462 20.51 21.67 -2.00
C LYS A 462 19.84 20.81 -3.06
N ASP A 463 19.91 19.48 -2.88
CA ASP A 463 19.32 18.50 -3.81
C ASP A 463 20.19 18.54 -5.08
N ILE A 464 21.46 18.16 -4.93
CA ILE A 464 22.49 18.33 -6.00
C ILE A 464 22.58 17.09 -6.88
N ALA A 465 22.92 15.91 -6.35
CA ALA A 465 23.20 14.75 -7.21
C ALA A 465 21.91 14.34 -7.96
N GLU A 466 20.72 14.35 -7.32
CA GLU A 466 19.45 13.88 -7.96
C GLU A 466 19.07 14.81 -9.14
N GLU A 467 19.40 16.10 -9.08
CA GLU A 467 18.73 17.17 -9.88
C GLU A 467 19.61 17.77 -11.01
N ILE A 468 20.92 17.98 -10.80
CA ILE A 468 21.71 18.82 -11.74
C ILE A 468 21.92 18.09 -13.07
N ALA A 469 22.14 18.88 -14.12
CA ALA A 469 22.54 18.36 -15.43
C ALA A 469 23.49 19.37 -16.08
N VAL A 470 24.43 18.85 -16.87
CA VAL A 470 25.22 19.64 -17.84
C VAL A 470 24.63 19.35 -19.22
N MET A 471 23.88 20.29 -19.79
CA MET A 471 23.22 20.11 -21.09
C MET A 471 24.23 20.32 -22.21
N ASP A 472 25.19 19.39 -22.30
CA ASP A 472 26.17 19.25 -23.40
C ASP A 472 26.66 17.81 -23.33
N PRO A 473 26.26 16.96 -24.29
CA PRO A 473 26.61 15.54 -24.19
C PRO A 473 28.13 15.30 -24.26
N ASP A 474 28.89 16.22 -24.86
CA ASP A 474 30.35 16.07 -25.08
C ASP A 474 31.14 16.71 -23.94
N ALA A 475 30.44 17.38 -23.02
CA ALA A 475 31.04 18.00 -21.82
C ALA A 475 32.18 17.11 -21.34
N VAL A 476 33.37 17.66 -21.10
CA VAL A 476 34.49 16.91 -20.46
C VAL A 476 34.33 17.10 -18.95
N LEU A 477 34.19 15.97 -18.24
CA LEU A 477 33.91 15.90 -16.80
C LEU A 477 34.74 14.76 -16.19
N PRO A 478 35.19 14.90 -14.92
CA PRO A 478 35.73 13.80 -14.14
C PRO A 478 34.97 12.47 -14.32
N PRO A 479 35.65 11.34 -14.65
CA PRO A 479 34.97 10.04 -14.78
C PRO A 479 33.67 9.93 -13.96
N GLU A 480 33.75 10.27 -12.67
CA GLU A 480 32.76 9.83 -11.65
C GLU A 480 31.57 10.78 -11.59
N VAL A 481 31.54 11.87 -12.38
CA VAL A 481 30.40 12.82 -12.44
C VAL A 481 29.79 12.90 -13.86
N SER A 482 30.24 12.07 -14.81
CA SER A 482 29.97 12.28 -16.26
C SER A 482 28.53 11.94 -16.61
N ARG A 483 27.82 11.24 -15.73
CA ARG A 483 26.40 10.81 -15.93
C ARG A 483 25.49 12.05 -15.91
N ILE A 484 25.95 13.13 -15.27
CA ILE A 484 25.30 14.47 -15.14
C ILE A 484 25.08 15.04 -16.53
N ALA A 485 25.94 14.69 -17.47
CA ALA A 485 25.87 15.13 -18.88
C ALA A 485 24.68 14.43 -19.57
N VAL A 486 23.85 15.24 -20.21
CA VAL A 486 22.58 14.86 -20.88
C VAL A 486 22.48 15.54 -22.25
N ASP A 487 21.63 14.98 -23.12
CA ASP A 487 21.33 15.54 -24.46
C ASP A 487 19.97 16.21 -24.33
N VAL A 488 19.90 17.51 -24.55
CA VAL A 488 18.64 18.29 -24.49
C VAL A 488 18.55 19.15 -25.75
N PRO A 489 17.42 19.12 -26.49
CA PRO A 489 17.35 19.95 -27.71
C PRO A 489 17.66 21.42 -27.36
N ASP A 490 18.49 22.10 -28.16
CA ASP A 490 18.77 23.54 -27.96
C ASP A 490 17.47 24.32 -27.72
N ASP A 491 16.39 24.09 -28.46
CA ASP A 491 15.13 24.87 -28.32
C ASP A 491 14.39 24.52 -27.01
N LYS A 492 15.00 23.80 -26.07
CA LYS A 492 14.36 23.50 -24.77
C LYS A 492 15.29 23.85 -23.59
N LYS A 493 16.56 24.12 -23.85
CA LYS A 493 17.58 24.32 -22.80
C LYS A 493 17.11 25.44 -21.86
N LEU A 494 16.66 26.58 -22.42
CA LEU A 494 16.38 27.79 -21.64
C LEU A 494 15.07 27.60 -20.83
N LEU A 495 14.26 26.60 -21.16
CA LEU A 495 13.08 26.27 -20.31
C LEU A 495 13.53 26.00 -18.87
N SER A 496 14.73 25.50 -18.62
CA SER A 496 15.21 25.31 -17.21
C SER A 496 15.03 26.61 -16.43
N ILE A 497 15.17 27.76 -17.11
CA ILE A 497 14.97 29.10 -16.50
C ILE A 497 13.50 29.51 -16.64
N PHE A 498 12.98 29.55 -17.87
CA PHE A 498 11.64 30.13 -18.14
C PHE A 498 10.62 29.37 -17.30
N THR A 499 10.69 28.07 -17.30
CA THR A 499 9.69 27.23 -16.62
C THR A 499 9.99 27.17 -15.12
N ASP A 500 11.16 26.69 -14.71
CA ASP A 500 11.36 26.29 -13.29
CA ASP A 500 11.36 26.29 -13.29
C ASP A 500 11.47 27.52 -12.40
N VAL A 501 12.03 28.62 -12.94
CA VAL A 501 12.15 29.91 -12.21
C VAL A 501 10.95 30.81 -12.52
N PHE A 502 10.68 31.12 -13.79
CA PHE A 502 9.69 32.19 -14.10
C PHE A 502 8.28 31.64 -13.87
N ASP A 503 7.94 30.54 -14.55
CA ASP A 503 6.53 30.10 -14.67
C ASP A 503 6.07 29.38 -13.43
N CYS A 504 6.98 28.70 -12.74
CA CYS A 504 6.66 27.87 -11.53
C CYS A 504 7.06 28.55 -10.21
N PHE A 505 7.74 29.70 -10.26
CA PHE A 505 8.07 30.44 -9.02
C PHE A 505 7.75 31.95 -9.12
N PHE A 506 8.35 32.70 -10.03
CA PHE A 506 8.28 34.18 -9.99
C PHE A 506 6.83 34.59 -10.24
N ARG A 507 6.15 33.93 -11.19
CA ARG A 507 4.71 34.08 -11.48
C ARG A 507 3.94 34.26 -10.14
N PHE A 508 4.28 33.49 -9.14
CA PHE A 508 3.53 33.45 -7.88
C PHE A 508 3.99 34.63 -7.05
N LEU A 509 5.30 34.83 -6.98
CA LEU A 509 5.89 35.92 -6.18
C LEU A 509 5.38 37.28 -6.66
N ALA A 510 5.36 37.50 -7.99
CA ALA A 510 4.99 38.75 -8.66
C ALA A 510 3.49 38.93 -8.43
N ALA A 511 2.74 37.86 -8.55
CA ALA A 511 1.27 37.96 -8.42
C ALA A 511 0.95 38.31 -6.96
N ASN A 512 1.61 37.65 -6.01
CA ASN A 512 1.31 37.84 -4.56
C ASN A 512 1.60 39.29 -4.19
N LEU A 513 2.75 39.82 -4.61
CA LEU A 513 3.22 41.18 -4.30
C LEU A 513 2.30 42.23 -4.97
N ALA A 514 1.86 41.97 -6.19
CA ALA A 514 0.90 42.84 -6.89
C ALA A 514 -0.44 42.84 -6.12
N GLU A 515 -0.98 41.65 -5.83
CA GLU A 515 -2.29 41.37 -5.17
C GLU A 515 -2.39 42.17 -3.87
N GLU A 516 -1.32 42.16 -3.08
CA GLU A 516 -1.27 42.82 -1.76
C GLU A 516 -0.94 44.32 -1.89
N GLY A 517 -0.67 44.88 -3.08
CA GLY A 517 -0.45 46.33 -3.28
C GLY A 517 0.99 46.78 -2.96
N ILE A 518 1.93 45.86 -2.91
CA ILE A 518 3.32 46.14 -2.47
C ILE A 518 4.14 46.65 -3.65
N VAL A 519 3.99 46.06 -4.83
CA VAL A 519 4.76 46.49 -6.03
C VAL A 519 4.08 45.92 -7.28
N THR A 520 4.15 46.65 -8.38
CA THR A 520 3.49 46.26 -9.64
C THR A 520 4.27 45.15 -10.30
N GLU A 521 3.57 44.41 -11.12
CA GLU A 521 4.20 43.37 -11.97
C GLU A 521 5.29 44.06 -12.82
N ASP A 522 4.94 45.19 -13.41
CA ASP A 522 5.84 46.01 -14.26
C ASP A 522 7.20 46.15 -13.56
N ALA A 523 7.18 46.67 -12.34
CA ALA A 523 8.41 46.97 -11.57
C ALA A 523 9.12 45.66 -11.21
N PHE A 524 8.34 44.65 -10.85
CA PHE A 524 8.85 43.31 -10.47
C PHE A 524 9.71 42.82 -11.62
N TRP A 525 9.16 42.83 -12.85
CA TRP A 525 9.82 42.24 -14.04
C TRP A 525 10.84 43.18 -14.61
N ARG A 526 10.59 44.49 -14.57
CA ARG A 526 11.64 45.49 -14.75
C ARG A 526 12.88 45.04 -13.98
N THR A 527 12.73 44.70 -12.69
CA THR A 527 13.88 44.37 -11.81
C THR A 527 14.56 43.08 -12.33
N VAL A 528 13.80 42.02 -12.63
CA VAL A 528 14.38 40.77 -13.20
C VAL A 528 15.17 41.18 -14.44
N ALA A 529 14.59 42.01 -15.29
CA ALA A 529 15.27 42.40 -16.54
C ALA A 529 16.60 43.10 -16.21
N GLU A 530 16.58 44.11 -15.35
CA GLU A 530 17.79 44.91 -15.01
C GLU A 530 18.88 43.96 -14.52
N VAL A 531 18.54 43.02 -13.66
CA VAL A 531 19.56 42.13 -13.04
C VAL A 531 20.11 41.25 -14.15
N THR A 532 19.24 40.80 -15.04
CA THR A 532 19.59 39.98 -16.23
C THR A 532 20.64 40.72 -17.07
N ARG A 533 20.32 41.95 -17.46
CA ARG A 533 21.19 42.86 -18.26
C ARG A 533 22.51 43.13 -17.53
N GLU A 534 22.47 43.40 -16.23
CA GLU A 534 23.64 43.75 -15.38
C GLU A 534 24.59 42.55 -15.39
N TYR A 535 24.08 41.34 -15.13
CA TYR A 535 24.82 40.07 -15.28
C TYR A 535 25.41 40.04 -16.72
N GLN A 536 24.54 40.07 -17.74
CA GLN A 536 24.96 39.89 -19.16
C GLN A 536 26.09 40.89 -19.48
N GLU A 537 25.99 42.14 -19.01
CA GLU A 537 26.97 43.16 -19.44
C GLU A 537 28.32 42.88 -18.79
N SER A 538 28.33 42.10 -17.71
CA SER A 538 29.55 41.86 -16.88
C SER A 538 30.31 40.64 -17.42
N VAL A 539 29.85 40.00 -18.49
CA VAL A 539 30.49 38.80 -19.10
C VAL A 539 30.39 38.88 -20.63
N PRO A 540 31.01 39.89 -21.29
CA PRO A 540 30.82 40.10 -22.73
C PRO A 540 31.26 38.91 -23.59
N GLU A 541 32.18 38.10 -23.04
CA GLU A 541 32.76 36.93 -23.75
C GLU A 541 31.65 35.88 -24.01
N LEU A 542 30.47 36.00 -23.37
CA LEU A 542 29.32 35.07 -23.56
C LEU A 542 28.22 35.71 -24.42
N ALA A 543 28.49 36.87 -25.02
CA ALA A 543 27.50 37.66 -25.77
C ALA A 543 26.88 36.85 -26.91
N ASP A 544 27.61 35.96 -27.59
CA ASP A 544 27.07 35.15 -28.72
C ASP A 544 26.00 34.20 -28.18
N LYS A 545 26.28 33.62 -27.01
CA LYS A 545 25.41 32.64 -26.32
C LYS A 545 24.16 33.32 -25.74
N PHE A 546 24.28 34.56 -25.22
CA PHE A 546 23.14 35.42 -24.80
C PHE A 546 22.22 35.73 -26.00
N GLU A 547 22.80 35.98 -27.19
CA GLU A 547 22.04 36.21 -28.46
C GLU A 547 21.26 34.92 -28.76
N ARG A 548 21.88 33.74 -28.61
CA ARG A 548 21.33 32.42 -29.05
C ARG A 548 20.22 31.99 -28.09
N TYR A 549 20.55 31.82 -26.82
CA TYR A 549 19.54 31.51 -25.79
C TYR A 549 19.09 32.85 -25.24
N ASP A 550 18.14 33.47 -25.92
CA ASP A 550 17.68 34.84 -25.63
C ASP A 550 16.72 34.85 -24.44
N MET A 551 17.18 35.32 -23.29
CA MET A 551 16.34 35.55 -22.07
C MET A 551 15.21 36.57 -22.33
N PHE A 552 15.32 37.40 -23.37
CA PHE A 552 14.40 38.51 -23.74
C PHE A 552 13.55 38.15 -24.98
N ALA A 553 13.55 36.86 -25.35
CA ALA A 553 12.69 36.31 -26.41
C ALA A 553 11.23 36.66 -26.09
N PRO A 554 10.40 37.02 -27.10
CA PRO A 554 8.99 37.41 -26.88
C PRO A 554 8.07 36.34 -26.21
N GLU A 555 8.34 35.06 -26.49
CA GLU A 555 7.61 33.89 -25.93
C GLU A 555 8.57 32.75 -25.59
N PHE A 556 8.07 31.85 -24.75
CA PHE A 556 8.64 30.52 -24.50
C PHE A 556 7.50 29.57 -24.23
N ALA A 557 7.76 28.28 -24.37
CA ALA A 557 6.75 27.22 -24.32
C ALA A 557 6.12 27.21 -22.91
N LEU A 558 4.79 27.08 -22.85
CA LEU A 558 4.04 26.67 -21.64
C LEU A 558 4.33 25.20 -21.39
N SER A 559 4.99 24.93 -20.29
CA SER A 559 5.22 23.57 -19.76
C SER A 559 4.26 23.35 -18.59
N CYS A 560 3.34 22.39 -18.71
CA CYS A 560 2.24 22.13 -17.76
C CYS A 560 2.73 21.11 -16.73
N LEU A 561 2.58 21.41 -15.44
CA LEU A 561 3.07 20.50 -14.37
C LEU A 561 1.96 19.57 -13.91
N ASN A 562 0.71 20.04 -13.75
CA ASN A 562 -0.42 19.17 -13.36
C ASN A 562 -0.64 18.09 -14.44
N ARG A 563 -0.61 18.46 -15.73
CA ARG A 563 -0.84 17.54 -16.88
C ARG A 563 0.09 16.33 -16.77
N LEU A 564 1.30 16.52 -16.29
CA LEU A 564 2.23 15.38 -16.01
C LEU A 564 1.60 14.42 -15.01
N GLN A 565 1.29 14.86 -13.80
CA GLN A 565 0.69 14.02 -12.72
C GLN A 565 -0.66 13.42 -13.17
N LEU A 566 -1.43 14.10 -14.01
CA LEU A 566 -2.80 13.65 -14.42
C LEU A 566 -2.69 12.47 -15.40
N ARG A 567 -1.67 12.43 -16.24
CA ARG A 567 -1.48 11.30 -17.17
C ARG A 567 -1.00 10.07 -16.39
N ASP A 568 0.01 10.24 -15.53
CA ASP A 568 0.71 9.17 -14.77
C ASP A 568 0.93 9.62 -13.32
N ASN A 569 0.12 9.12 -12.37
CA ASN A 569 0.04 9.60 -10.94
C ASN A 569 1.16 9.01 -10.07
N ARG A 570 2.01 8.12 -10.61
CA ARG A 570 3.04 7.32 -9.86
C ARG A 570 4.47 7.46 -10.43
N GLN A 571 4.60 7.79 -11.71
CA GLN A 571 5.89 8.02 -12.43
C GLN A 571 5.63 9.11 -13.49
N MET A 572 5.51 10.37 -13.03
CA MET A 572 4.96 11.50 -13.85
C MET A 572 5.98 11.92 -14.93
N VAL A 573 7.28 11.89 -14.57
CA VAL A 573 8.48 11.83 -15.46
C VAL A 573 9.04 10.39 -15.35
N ASP A 574 9.29 9.70 -16.47
CA ASP A 574 9.97 8.37 -16.50
C ASP A 574 11.49 8.62 -16.40
N LEU A 575 12.23 7.73 -15.71
CA LEU A 575 13.71 7.73 -15.71
C LEU A 575 14.23 7.33 -17.11
N ALA A 576 13.37 6.82 -18.00
CA ALA A 576 13.70 6.50 -19.42
C ALA A 576 13.08 7.53 -20.38
N ASP A 577 13.60 7.61 -21.62
CA ASP A 577 13.28 8.59 -22.70
C ASP A 577 13.80 9.99 -22.34
N PRO A 578 14.16 10.86 -23.33
CA PRO A 578 14.71 12.19 -23.05
C PRO A 578 13.65 13.11 -22.46
N SER A 579 14.03 14.33 -22.06
CA SER A 579 13.10 15.43 -21.65
C SER A 579 11.90 15.47 -22.62
N GLY A 580 11.04 14.45 -22.55
CA GLY A 580 10.02 14.10 -23.56
C GLY A 580 8.67 13.75 -22.93
N ALA A 581 8.66 13.40 -21.64
CA ALA A 581 7.47 13.39 -20.75
C ALA A 581 6.79 14.77 -20.76
N LEU A 582 7.56 15.82 -21.07
CA LEU A 582 7.13 17.25 -21.00
C LEU A 582 5.84 17.42 -21.79
N GLN A 583 4.95 18.27 -21.28
CA GLN A 583 3.64 18.58 -21.90
C GLN A 583 3.62 20.09 -22.13
N LEU A 584 4.16 20.43 -23.28
CA LEU A 584 4.19 21.81 -23.82
C LEU A 584 2.87 22.01 -24.53
N VAL A 585 2.18 23.12 -24.25
CA VAL A 585 0.84 23.44 -24.83
C VAL A 585 0.86 24.92 -25.17
N GLY A 586 1.21 25.30 -26.40
CA GLY A 586 1.38 26.69 -26.82
C GLY A 586 2.53 27.39 -26.11
N THR A 587 2.41 28.70 -25.92
CA THR A 587 3.49 29.58 -25.37
C THR A 587 2.90 30.64 -24.44
N LEU A 588 3.74 31.17 -23.57
CA LEU A 588 3.49 32.32 -22.65
C LEU A 588 4.24 33.55 -23.18
N LYS A 589 3.68 34.76 -23.01
CA LYS A 589 4.44 36.03 -23.29
C LYS A 589 5.52 36.12 -22.22
N ASN A 590 6.79 36.14 -22.63
CA ASN A 590 7.92 36.42 -21.74
C ASN A 590 7.69 37.83 -21.22
N PRO A 591 7.61 38.01 -19.87
CA PRO A 591 7.51 39.33 -19.28
C PRO A 591 8.83 40.08 -19.46
N LEU A 592 9.94 39.38 -19.71
CA LEU A 592 11.22 40.07 -20.06
C LEU A 592 11.14 40.60 -21.50
N ALA A 593 10.09 40.28 -22.28
CA ALA A 593 10.04 40.63 -23.72
C ALA A 593 10.10 42.15 -23.87
N GLY A 594 11.12 42.64 -24.58
CA GLY A 594 11.32 44.04 -24.99
C GLY A 594 12.17 44.83 -24.00
N ARG A 595 12.91 44.15 -23.13
CA ARG A 595 13.73 44.80 -22.08
C ARG A 595 15.18 44.33 -22.20
N LEU A 596 15.67 44.04 -23.41
CA LEU A 596 17.10 43.74 -23.67
C LEU A 596 17.95 44.99 -23.53
N SER B 2 10.48 -3.82 21.59
CA SER B 2 11.83 -3.18 21.80
C SER B 2 12.45 -2.81 20.45
N LEU B 3 11.71 -3.04 19.35
CA LEU B 3 12.19 -2.96 17.95
C LEU B 3 12.82 -4.30 17.59
N ALA B 4 13.87 -4.72 18.30
CA ALA B 4 14.46 -6.05 18.15
C ALA B 4 13.39 -7.13 18.41
N ASP B 5 12.42 -6.88 19.30
CA ASP B 5 11.37 -7.88 19.69
C ASP B 5 10.43 -8.21 18.52
N ALA B 6 10.09 -7.23 17.69
CA ALA B 6 9.17 -7.38 16.51
C ALA B 6 9.75 -8.33 15.46
N VAL B 7 11.08 -8.52 15.42
CA VAL B 7 11.78 -9.35 14.39
C VAL B 7 12.44 -10.57 15.05
N ALA B 8 12.32 -10.76 16.36
CA ALA B 8 12.95 -11.89 17.08
C ALA B 8 12.69 -13.23 16.32
N HIS B 9 11.53 -13.42 15.70
CA HIS B 9 11.20 -14.68 14.99
C HIS B 9 12.03 -14.85 13.71
N LEU B 10 12.67 -13.78 13.22
CA LEU B 10 13.44 -13.80 11.94
C LEU B 10 14.93 -14.09 12.19
N THR B 11 15.29 -15.37 12.24
CA THR B 11 16.68 -15.79 12.53
C THR B 11 17.11 -16.69 11.39
N PRO B 12 18.44 -16.87 11.14
CA PRO B 12 18.93 -17.80 10.12
C PRO B 12 18.38 -19.24 10.18
N GLU B 13 18.23 -19.84 11.39
CA GLU B 13 17.82 -21.26 11.52
C GLU B 13 16.34 -21.37 11.13
N ARG B 14 15.52 -20.44 11.63
CA ARG B 14 14.04 -20.48 11.41
C ARG B 14 13.72 -20.09 9.96
N TRP B 15 14.48 -19.17 9.40
CA TRP B 15 14.35 -18.79 7.98
C TRP B 15 14.63 -20.02 7.15
N GLU B 16 15.73 -20.70 7.45
CA GLU B 16 16.19 -21.92 6.75
C GLU B 16 15.09 -22.99 6.77
N GLU B 17 14.53 -23.35 7.94
CA GLU B 17 13.45 -24.39 8.01
C GLU B 17 12.30 -23.90 7.10
N ALA B 18 11.93 -22.61 7.14
CA ALA B 18 10.74 -22.09 6.45
C ALA B 18 10.92 -22.21 4.94
N ASN B 19 12.14 -22.01 4.47
CA ASN B 19 12.49 -22.08 3.02
C ASN B 19 12.45 -23.55 2.57
N ARG B 20 13.01 -24.45 3.34
CA ARG B 20 12.91 -25.89 3.03
C ARG B 20 11.42 -26.23 2.96
N LEU B 21 10.60 -25.78 3.90
CA LEU B 21 9.13 -26.09 3.91
C LEU B 21 8.43 -25.54 2.65
N LEU B 22 8.75 -24.34 2.17
CA LEU B 22 7.97 -23.74 1.05
C LEU B 22 8.46 -24.32 -0.29
N VAL B 23 9.77 -24.56 -0.42
CA VAL B 23 10.35 -25.13 -1.66
C VAL B 23 9.84 -26.57 -1.78
N ARG B 24 9.74 -27.30 -0.66
CA ARG B 24 9.12 -28.66 -0.65
C ARG B 24 7.71 -28.55 -1.24
N LYS B 25 6.92 -27.56 -0.81
CA LYS B 25 5.51 -27.42 -1.24
C LYS B 25 5.47 -26.91 -2.68
N ALA B 26 6.44 -26.11 -3.12
CA ALA B 26 6.39 -25.55 -4.49
C ALA B 26 6.69 -26.68 -5.49
N LEU B 27 7.76 -27.46 -5.29
CA LEU B 27 8.04 -28.72 -6.01
C LEU B 27 6.84 -29.67 -6.03
N ALA B 28 6.24 -29.91 -4.88
CA ALA B 28 5.00 -30.72 -4.79
C ALA B 28 3.89 -30.13 -5.68
N GLU B 29 3.55 -28.87 -5.52
CA GLU B 29 2.19 -28.43 -5.95
C GLU B 29 2.27 -27.93 -7.38
N PHE B 30 3.45 -27.47 -7.82
CA PHE B 30 3.69 -27.00 -9.22
C PHE B 30 3.81 -28.19 -10.13
N THR B 31 4.24 -29.33 -9.58
CA THR B 31 4.34 -30.62 -10.29
C THR B 31 2.92 -31.10 -10.45
N HIS B 32 2.18 -31.14 -9.36
CA HIS B 32 0.71 -31.44 -9.44
C HIS B 32 0.09 -30.60 -10.57
N GLU B 33 0.44 -29.31 -10.68
CA GLU B 33 -0.27 -28.42 -11.62
C GLU B 33 0.41 -28.45 -12.99
N ARG B 34 1.43 -29.29 -13.12
CA ARG B 34 2.21 -29.61 -14.35
C ARG B 34 2.98 -28.43 -14.90
N LEU B 35 3.44 -27.54 -14.03
CA LEU B 35 4.42 -26.52 -14.46
C LEU B 35 5.82 -27.15 -14.45
N LEU B 36 6.06 -28.07 -13.52
CA LEU B 36 7.29 -28.86 -13.39
C LEU B 36 6.98 -30.30 -13.80
N THR B 37 7.86 -30.93 -14.56
CA THR B 37 7.80 -32.37 -14.84
C THR B 37 9.11 -32.93 -14.34
N PRO B 38 9.12 -33.41 -13.07
CA PRO B 38 10.35 -33.90 -12.46
C PRO B 38 10.80 -35.18 -13.18
N GLU B 39 12.02 -35.22 -13.72
CA GLU B 39 12.65 -36.45 -14.30
C GLU B 39 13.26 -37.32 -13.19
N ARG B 40 13.13 -38.65 -13.29
CA ARG B 40 13.72 -39.66 -12.37
C ARG B 40 15.22 -39.86 -12.63
N GLU B 41 15.99 -40.18 -11.58
CA GLU B 41 17.39 -40.73 -11.61
C GLU B 41 17.40 -42.06 -10.84
N PRO B 42 17.98 -43.15 -11.40
CA PRO B 42 17.62 -44.51 -10.96
C PRO B 42 18.23 -45.12 -9.68
N ASP B 43 19.45 -44.71 -9.27
CA ASP B 43 20.40 -45.45 -8.38
C ASP B 43 19.90 -45.56 -6.93
N ASP B 44 19.96 -44.45 -6.17
CA ASP B 44 19.77 -44.38 -4.69
C ASP B 44 18.48 -45.10 -4.27
N GLY B 45 17.34 -44.40 -4.20
CA GLY B 45 16.10 -44.89 -3.57
C GLY B 45 15.44 -46.06 -4.29
N GLY B 46 16.04 -46.66 -5.33
CA GLY B 46 15.41 -47.68 -6.21
C GLY B 46 14.04 -47.23 -6.70
N GLY B 47 13.97 -46.10 -7.42
CA GLY B 47 12.74 -45.50 -7.97
C GLY B 47 12.04 -44.57 -6.98
N GLN B 48 12.62 -43.39 -6.70
CA GLN B 48 12.20 -42.47 -5.60
C GLN B 48 12.94 -41.12 -5.67
N THR B 49 13.95 -40.95 -6.54
CA THR B 49 14.78 -39.72 -6.66
C THR B 49 14.56 -39.00 -7.99
N TYR B 50 14.26 -37.70 -7.88
CA TYR B 50 13.82 -36.79 -8.98
C TYR B 50 14.66 -35.51 -8.99
N VAL B 51 14.80 -34.95 -10.19
CA VAL B 51 15.45 -33.62 -10.42
C VAL B 51 14.48 -32.69 -11.17
N VAL B 52 14.47 -31.42 -10.80
CA VAL B 52 13.80 -30.32 -11.58
C VAL B 52 14.85 -29.23 -11.81
N ARG B 53 14.99 -28.76 -13.05
CA ARG B 53 16.05 -27.80 -13.45
C ARG B 53 15.43 -26.41 -13.65
N SER B 54 16.21 -25.37 -13.34
CA SER B 54 15.94 -23.93 -13.62
C SER B 54 15.62 -23.73 -15.10
N ASP B 55 15.06 -22.58 -15.42
CA ASP B 55 14.85 -22.12 -16.83
C ASP B 55 16.13 -22.30 -17.63
N ASP B 56 17.31 -21.94 -17.10
CA ASP B 56 18.64 -22.00 -17.78
C ASP B 56 19.32 -23.36 -17.61
N GLY B 57 18.81 -24.25 -16.77
CA GLY B 57 19.32 -25.63 -16.60
C GLY B 57 20.65 -25.73 -15.86
N GLN B 58 21.13 -24.64 -15.24
CA GLN B 58 22.42 -24.65 -14.50
C GLN B 58 22.17 -25.17 -13.07
N THR B 59 21.10 -24.67 -12.46
CA THR B 59 20.67 -24.99 -11.07
C THR B 59 19.71 -26.19 -11.12
N ALA B 60 19.95 -27.23 -10.33
CA ALA B 60 19.10 -28.45 -10.25
C ALA B 60 18.60 -28.63 -8.82
N TYR B 61 17.32 -28.97 -8.68
CA TYR B 61 16.67 -29.35 -7.39
C TYR B 61 16.42 -30.88 -7.39
N ARG B 62 17.00 -31.58 -6.39
CA ARG B 62 16.86 -33.05 -6.16
C ARG B 62 16.02 -33.30 -4.91
N PHE B 63 15.23 -34.37 -4.92
CA PHE B 63 14.32 -34.73 -3.81
C PHE B 63 13.88 -36.19 -3.94
N THR B 64 13.46 -36.75 -2.82
CA THR B 64 12.72 -38.03 -2.77
C THR B 64 11.22 -37.71 -2.64
N ALA B 65 10.40 -38.43 -3.40
CA ALA B 65 8.93 -38.27 -3.42
C ALA B 65 8.28 -39.63 -3.66
N THR B 66 7.09 -39.71 -3.08
CA THR B 66 6.08 -40.77 -3.24
C THR B 66 4.89 -40.16 -3.96
N VAL B 67 4.52 -40.76 -5.08
CA VAL B 67 3.36 -40.29 -5.91
C VAL B 67 2.09 -41.10 -5.60
N ARG B 68 1.09 -40.41 -5.09
CA ARG B 68 -0.18 -40.95 -4.58
C ARG B 68 -1.27 -40.60 -5.59
N ALA B 69 -2.47 -41.13 -5.39
CA ALA B 69 -3.67 -40.83 -6.21
C ALA B 69 -3.84 -39.31 -6.30
N LEU B 70 -4.39 -38.93 -7.45
CA LEU B 70 -4.69 -37.57 -7.87
C LEU B 70 -3.34 -36.90 -8.10
N ASP B 71 -2.38 -37.64 -8.65
CA ASP B 71 -1.14 -37.05 -9.23
C ASP B 71 -0.61 -36.10 -8.14
N HIS B 72 -0.60 -36.63 -6.89
CA HIS B 72 -0.10 -35.98 -5.65
C HIS B 72 1.36 -36.34 -5.36
N TRP B 73 2.24 -35.36 -5.41
CA TRP B 73 3.68 -35.60 -5.18
C TRP B 73 3.98 -35.35 -3.71
N GLN B 74 4.26 -36.40 -2.92
CA GLN B 74 4.62 -36.25 -1.47
C GLN B 74 6.15 -36.15 -1.41
N VAL B 75 6.61 -34.91 -1.54
CA VAL B 75 8.03 -34.49 -1.62
C VAL B 75 8.55 -34.45 -0.18
N ASP B 76 9.68 -35.15 0.07
CA ASP B 76 10.32 -35.25 1.42
CA ASP B 76 10.29 -35.24 1.42
C ASP B 76 11.12 -33.97 1.64
N ALA B 77 10.68 -33.15 2.57
CA ALA B 77 11.34 -31.90 3.00
C ALA B 77 12.84 -32.12 3.22
N ALA B 78 13.18 -33.04 4.11
CA ALA B 78 14.58 -33.36 4.54
C ALA B 78 15.47 -33.72 3.34
N SER B 79 14.90 -34.27 2.26
CA SER B 79 15.63 -34.73 1.06
C SER B 79 15.96 -33.60 0.09
N VAL B 80 15.32 -32.44 0.16
CA VAL B 80 15.55 -31.36 -0.87
C VAL B 80 16.99 -30.87 -0.85
N THR B 81 17.64 -30.84 -2.01
CA THR B 81 18.99 -30.25 -2.22
C THR B 81 18.98 -29.41 -3.51
N ARG B 82 19.97 -28.54 -3.68
CA ARG B 82 20.08 -27.61 -4.84
C ARG B 82 21.55 -27.53 -5.28
N HIS B 83 21.80 -27.69 -6.59
CA HIS B 83 23.16 -27.77 -7.18
C HIS B 83 23.31 -26.79 -8.36
N ARG B 84 24.44 -26.08 -8.46
CA ARG B 84 24.87 -25.38 -9.71
C ARG B 84 26.34 -25.75 -9.99
N ASP B 85 26.64 -26.08 -11.26
CA ASP B 85 28.02 -26.29 -11.80
C ASP B 85 28.84 -27.14 -10.83
N GLY B 86 28.30 -28.25 -10.32
CA GLY B 86 29.06 -29.25 -9.55
C GLY B 86 28.95 -29.10 -8.04
N ALA B 87 28.55 -27.95 -7.51
CA ALA B 87 28.51 -27.71 -6.05
C ALA B 87 27.08 -27.45 -5.54
N GLU B 88 26.92 -27.50 -4.21
CA GLU B 88 25.63 -27.42 -3.49
C GLU B 88 25.40 -25.95 -3.10
N LEU B 89 24.15 -25.46 -3.16
CA LEU B 89 23.73 -24.12 -2.65
C LEU B 89 22.69 -24.31 -1.56
N PRO B 90 22.43 -23.32 -0.66
CA PRO B 90 21.29 -23.42 0.27
C PRO B 90 19.96 -23.25 -0.48
N LEU B 91 18.91 -23.86 0.06
CA LEU B 91 17.49 -23.73 -0.36
C LEU B 91 17.02 -22.33 -0.07
N ALA B 92 16.71 -21.61 -1.14
CA ALA B 92 16.28 -20.20 -1.11
C ALA B 92 15.05 -20.03 -2.03
N ALA B 93 13.86 -19.91 -1.45
CA ALA B 93 12.57 -19.66 -2.14
C ALA B 93 12.64 -18.49 -3.15
N LEU B 94 13.23 -17.38 -2.75
CA LEU B 94 13.18 -16.22 -3.65
C LEU B 94 13.91 -16.65 -4.94
N ASP B 95 15.06 -17.32 -4.77
CA ASP B 95 15.94 -17.77 -5.89
C ASP B 95 15.22 -18.79 -6.76
N PHE B 96 14.51 -19.74 -6.13
CA PHE B 96 13.76 -20.83 -6.80
C PHE B 96 12.79 -20.21 -7.80
N PHE B 97 12.00 -19.22 -7.35
CA PHE B 97 11.09 -18.40 -8.18
C PHE B 97 11.83 -17.59 -9.26
N ILE B 98 12.97 -16.99 -8.95
CA ILE B 98 13.73 -16.25 -9.99
C ILE B 98 14.24 -17.23 -11.08
N GLU B 99 14.62 -18.45 -10.68
CA GLU B 99 15.23 -19.51 -11.53
C GLU B 99 14.18 -20.23 -12.42
N LEU B 100 12.92 -20.32 -11.97
CA LEU B 100 11.82 -20.99 -12.71
C LEU B 100 10.73 -19.96 -13.06
N LYS B 101 11.12 -18.73 -13.32
CA LYS B 101 10.25 -17.60 -13.72
C LYS B 101 9.51 -17.98 -15.03
N GLN B 102 10.26 -18.22 -16.12
CA GLN B 102 9.69 -18.64 -17.44
C GLN B 102 8.84 -19.88 -17.19
N THR B 103 9.41 -20.92 -16.55
CA THR B 103 8.83 -22.27 -16.32
C THR B 103 7.47 -22.21 -15.58
N LEU B 104 7.23 -21.21 -14.71
CA LEU B 104 5.98 -21.08 -13.93
C LEU B 104 5.07 -20.02 -14.53
N GLY B 105 5.53 -19.35 -15.58
CA GLY B 105 4.80 -18.23 -16.22
C GLY B 105 4.56 -17.12 -15.21
N LEU B 106 5.55 -16.84 -14.38
CA LEU B 106 5.62 -15.55 -13.65
C LEU B 106 6.11 -14.51 -14.63
N SER B 107 5.33 -13.45 -14.86
CA SER B 107 5.68 -12.29 -15.72
C SER B 107 6.67 -11.39 -14.96
N ASP B 108 7.38 -10.58 -15.71
CA ASP B 108 8.10 -9.41 -15.15
C ASP B 108 7.17 -8.65 -14.23
N GLU B 109 5.89 -8.48 -14.59
CA GLU B 109 4.98 -7.59 -13.82
C GLU B 109 4.73 -8.19 -12.44
N ILE B 110 4.46 -9.49 -12.34
CA ILE B 110 3.92 -10.08 -11.08
C ILE B 110 5.09 -10.43 -10.16
N LEU B 111 6.24 -10.83 -10.75
CA LEU B 111 7.32 -11.60 -10.04
C LEU B 111 7.73 -10.91 -8.75
N PRO B 112 7.96 -9.58 -8.76
CA PRO B 112 8.40 -8.85 -7.59
C PRO B 112 7.39 -8.90 -6.45
N VAL B 113 6.10 -8.66 -6.71
CA VAL B 113 5.02 -8.67 -5.67
C VAL B 113 4.93 -10.11 -5.18
N TYR B 114 4.92 -11.05 -6.10
CA TYR B 114 4.95 -12.49 -5.77
C TYR B 114 6.10 -12.78 -4.79
N LEU B 115 7.31 -12.28 -5.07
CA LEU B 115 8.43 -12.53 -4.12
C LEU B 115 8.09 -11.86 -2.76
N GLU B 116 7.30 -10.79 -2.74
CA GLU B 116 6.97 -10.06 -1.49
C GLU B 116 5.99 -10.91 -0.69
N GLU B 117 5.05 -11.57 -1.37
CA GLU B 117 4.06 -12.52 -0.78
CA GLU B 117 4.05 -12.54 -0.83
C GLU B 117 4.77 -13.79 -0.25
N ILE B 118 5.75 -14.30 -0.99
CA ILE B 118 6.61 -15.40 -0.50
C ILE B 118 7.37 -14.98 0.77
N SER B 119 8.08 -13.85 0.78
CA SER B 119 8.81 -13.34 1.97
C SER B 119 7.90 -13.40 3.20
N SER B 120 6.68 -12.91 3.02
CA SER B 120 5.65 -12.73 4.05
C SER B 120 5.09 -14.10 4.46
N THR B 121 4.94 -15.01 3.51
CA THR B 121 4.60 -16.40 3.86
C THR B 121 5.72 -17.02 4.70
N LEU B 122 6.98 -16.85 4.31
CA LEU B 122 8.16 -17.38 5.06
C LEU B 122 8.27 -16.73 6.45
N SER B 123 7.92 -15.44 6.57
CA SER B 123 7.94 -14.65 7.83
C SER B 123 6.99 -15.27 8.86
N GLY B 124 5.76 -15.55 8.45
CA GLY B 124 4.74 -16.29 9.23
C GLY B 124 5.24 -17.68 9.67
N THR B 125 5.61 -18.55 8.72
CA THR B 125 6.27 -19.85 9.05
C THR B 125 7.23 -19.63 10.23
N CYS B 126 8.09 -18.57 10.18
CA CYS B 126 9.16 -18.23 11.16
C CYS B 126 8.52 -17.90 12.52
N TYR B 127 7.45 -17.10 12.50
CA TYR B 127 6.69 -16.69 13.70
C TYR B 127 6.12 -17.94 14.36
N LYS B 128 5.50 -18.81 13.57
CA LYS B 128 4.84 -20.05 14.06
C LYS B 128 5.87 -21.05 14.60
N LEU B 129 7.08 -21.08 14.05
CA LEU B 129 8.14 -21.99 14.55
C LEU B 129 8.61 -21.52 15.94
N THR B 130 8.18 -20.33 16.38
CA THR B 130 8.53 -19.74 17.70
C THR B 130 7.45 -20.03 18.74
N LYS B 131 6.28 -20.52 18.34
CA LYS B 131 5.18 -20.80 19.30
C LYS B 131 5.46 -22.14 19.95
N PRO B 132 5.00 -22.33 21.20
CA PRO B 132 5.02 -23.67 21.79
C PRO B 132 4.67 -24.67 20.68
N GLN B 133 5.49 -25.70 20.44
CA GLN B 133 5.31 -26.65 19.27
C GLN B 133 4.38 -27.82 19.70
N LEU B 134 3.08 -27.56 19.84
CA LEU B 134 2.02 -28.56 20.19
C LEU B 134 2.01 -29.71 19.17
N SER B 135 2.16 -30.94 19.65
CA SER B 135 1.86 -32.16 18.86
C SER B 135 0.34 -32.21 18.57
N SER B 136 -0.06 -32.99 17.55
CA SER B 136 -1.49 -33.19 17.21
C SER B 136 -2.23 -33.89 18.34
N ALA B 137 -1.60 -34.81 19.05
CA ALA B 137 -2.13 -35.39 20.30
C ALA B 137 -2.56 -34.26 21.25
N GLU B 138 -1.68 -33.36 21.61
CA GLU B 138 -2.01 -32.34 22.65
C GLU B 138 -3.26 -31.60 22.17
N LEU B 139 -3.27 -31.18 20.89
CA LEU B 139 -4.25 -30.22 20.28
C LEU B 139 -5.64 -30.84 20.23
N ALA B 140 -5.72 -32.12 19.85
CA ALA B 140 -6.95 -32.95 19.84
C ALA B 140 -7.48 -33.17 21.26
N ARG B 141 -6.62 -33.58 22.18
CA ARG B 141 -6.94 -33.76 23.62
C ARG B 141 -7.49 -32.43 24.18
N SER B 142 -6.92 -31.27 23.79
CA SER B 142 -7.24 -29.88 24.28
C SER B 142 -8.74 -29.59 24.23
N GLY B 143 -9.39 -29.87 23.10
CA GLY B 143 -10.80 -29.50 22.90
C GLY B 143 -11.06 -27.98 22.95
N ASP B 144 -10.06 -27.13 22.71
CA ASP B 144 -10.22 -25.66 22.64
C ASP B 144 -10.33 -25.29 21.16
N PHE B 145 -11.51 -24.80 20.76
CA PHE B 145 -11.85 -24.40 19.35
C PHE B 145 -10.79 -23.42 18.79
N GLN B 146 -10.35 -22.48 19.62
CA GLN B 146 -9.47 -21.35 19.21
C GLN B 146 -7.99 -21.74 19.41
N ALA B 147 -7.68 -22.70 20.27
CA ALA B 147 -6.34 -23.32 20.29
C ALA B 147 -6.16 -24.04 18.94
N VAL B 148 -7.20 -24.66 18.41
CA VAL B 148 -7.10 -25.32 17.08
C VAL B 148 -7.08 -24.25 15.98
N GLU B 149 -8.01 -23.30 16.01
CA GLU B 149 -8.09 -22.24 14.99
C GLU B 149 -6.73 -21.55 14.86
N THR B 150 -6.12 -21.21 15.99
CA THR B 150 -4.87 -20.42 16.02
C THR B 150 -3.63 -21.32 15.99
N GLY B 151 -3.78 -22.63 16.25
CA GLY B 151 -2.70 -23.61 16.10
C GLY B 151 -2.41 -24.01 14.65
N MET B 152 -3.34 -23.82 13.72
CA MET B 152 -3.10 -24.23 12.32
C MET B 152 -1.85 -23.51 11.83
N THR B 153 -0.99 -24.22 11.10
CA THR B 153 0.23 -23.65 10.47
C THR B 153 0.11 -23.65 8.94
N GLU B 154 -0.57 -24.63 8.34
CA GLU B 154 -0.42 -24.79 6.87
C GLU B 154 -1.05 -23.61 6.15
N GLY B 155 -2.32 -23.28 6.46
CA GLY B 155 -3.23 -22.49 5.60
C GLY B 155 -3.61 -23.29 4.35
N HIS B 156 -3.99 -22.60 3.28
CA HIS B 156 -4.52 -23.30 2.07
C HIS B 156 -3.50 -24.33 1.61
N PRO B 157 -3.86 -25.59 1.54
CA PRO B 157 -2.88 -26.62 1.19
C PRO B 157 -2.41 -26.64 -0.27
N CYS B 158 -3.08 -25.91 -1.17
CA CYS B 158 -2.70 -25.90 -2.62
C CYS B 158 -1.81 -24.68 -2.89
N PHE B 159 -2.23 -23.48 -2.48
CA PHE B 159 -1.51 -22.21 -2.79
C PHE B 159 -0.19 -22.20 -2.04
N VAL B 160 0.90 -22.02 -2.77
CA VAL B 160 2.26 -21.93 -2.17
C VAL B 160 2.41 -20.56 -1.48
N ALA B 161 2.06 -19.49 -2.19
CA ALA B 161 2.02 -18.10 -1.68
C ALA B 161 0.65 -17.87 -0.99
N ASN B 162 0.45 -18.46 0.19
CA ASN B 162 -0.93 -18.59 0.74
C ASN B 162 -1.12 -17.67 1.97
N ASN B 163 -0.05 -17.30 2.67
CA ASN B 163 -0.24 -16.63 4.00
C ASN B 163 0.38 -15.22 3.94
N GLY B 164 0.08 -14.44 2.90
CA GLY B 164 0.80 -13.19 2.56
C GLY B 164 0.58 -12.01 3.52
N ARG B 165 -0.68 -11.61 3.76
CA ARG B 165 -1.04 -10.46 4.64
C ARG B 165 -0.21 -9.20 4.28
N LEU B 166 0.04 -8.97 2.99
CA LEU B 166 0.66 -7.73 2.50
C LEU B 166 -0.29 -6.54 2.80
N GLY B 167 0.27 -5.44 3.28
CA GLY B 167 -0.50 -4.36 3.92
C GLY B 167 -0.21 -4.23 5.39
N PHE B 168 0.07 -5.33 6.12
CA PHE B 168 0.49 -5.28 7.54
C PHE B 168 2.01 -4.97 7.59
N GLY B 169 2.37 -3.88 8.28
CA GLY B 169 3.73 -3.75 8.83
C GLY B 169 3.95 -4.86 9.86
N ILE B 170 5.18 -5.09 10.29
CA ILE B 170 5.46 -6.27 11.15
C ILE B 170 4.73 -6.10 12.48
N HIS B 171 4.61 -4.84 12.94
CA HIS B 171 3.86 -4.47 14.17
C HIS B 171 2.41 -4.93 14.01
N GLU B 172 1.86 -4.74 12.79
CA GLU B 172 0.44 -5.06 12.48
C GLU B 172 0.32 -6.58 12.30
N TYR B 173 1.29 -7.26 11.67
CA TYR B 173 1.32 -8.74 11.62
C TYR B 173 1.22 -9.26 13.08
N LEU B 174 2.03 -8.71 13.99
CA LEU B 174 2.10 -9.26 15.37
C LEU B 174 0.78 -9.00 16.09
N SER B 175 0.02 -7.98 15.70
CA SER B 175 -1.26 -7.58 16.32
C SER B 175 -2.46 -8.30 15.70
N TYR B 176 -2.42 -8.66 14.41
CA TYR B 176 -3.62 -8.99 13.57
C TYR B 176 -3.60 -10.40 12.96
N ALA B 177 -2.45 -11.05 12.76
CA ALA B 177 -2.44 -12.37 12.07
C ALA B 177 -3.02 -13.41 13.03
N PRO B 178 -3.80 -14.38 12.54
CA PRO B 178 -4.54 -15.28 13.43
C PRO B 178 -3.63 -16.17 14.27
N GLU B 179 -2.50 -16.60 13.66
CA GLU B 179 -1.48 -17.47 14.30
C GLU B 179 -0.86 -16.80 15.53
N THR B 180 -1.10 -15.51 15.73
CA THR B 180 -0.55 -14.79 16.90
C THR B 180 -1.49 -14.98 18.06
N ALA B 181 -2.78 -15.20 17.77
CA ALA B 181 -3.80 -15.28 18.84
C ALA B 181 -3.73 -14.01 19.70
N SER B 182 -3.45 -12.89 19.09
CA SER B 182 -3.51 -11.58 19.78
C SER B 182 -4.97 -11.13 19.88
N PRO B 183 -5.46 -10.81 21.09
CA PRO B 183 -6.76 -10.17 21.21
C PRO B 183 -6.85 -8.88 20.36
N VAL B 184 -8.01 -8.65 19.79
CA VAL B 184 -8.29 -7.38 19.06
C VAL B 184 -9.59 -6.80 19.61
N ARG B 185 -9.63 -5.48 19.82
CA ARG B 185 -10.90 -4.78 20.11
C ARG B 185 -11.33 -4.18 18.77
N LEU B 186 -12.61 -4.30 18.43
CA LEU B 186 -13.10 -3.68 17.18
C LEU B 186 -13.24 -2.20 17.42
N VAL B 187 -13.06 -1.43 16.37
CA VAL B 187 -13.39 0.02 16.33
C VAL B 187 -14.82 0.16 15.78
N TRP B 188 -15.61 1.02 16.41
CA TRP B 188 -17.05 1.25 16.16
C TRP B 188 -17.26 2.64 15.60
N LEU B 189 -17.91 2.71 14.45
CA LEU B 189 -18.29 3.95 13.78
C LEU B 189 -19.79 4.08 13.85
N ALA B 190 -20.23 5.31 13.85
CA ALA B 190 -21.63 5.65 13.55
C ALA B 190 -21.62 6.11 12.09
N ALA B 191 -22.35 5.42 11.25
CA ALA B 191 -22.44 5.69 9.80
C ALA B 191 -23.80 6.33 9.54
N HIS B 192 -23.80 7.52 8.96
CA HIS B 192 -25.03 8.24 8.55
C HIS B 192 -25.89 7.36 7.62
N ARG B 193 -27.21 7.37 7.86
CA ARG B 193 -28.25 6.59 7.12
C ARG B 193 -28.37 7.00 5.65
N SER B 194 -27.83 8.16 5.24
CA SER B 194 -27.88 8.59 3.82
C SER B 194 -26.98 7.68 2.98
N ARG B 195 -25.96 7.05 3.58
CA ARG B 195 -24.93 6.24 2.84
C ARG B 195 -24.77 4.81 3.37
N ALA B 196 -25.32 4.51 4.56
CA ALA B 196 -25.26 3.19 5.25
C ALA B 196 -26.66 2.54 5.39
N ALA B 197 -26.71 1.22 5.32
CA ALA B 197 -27.96 0.45 5.32
C ALA B 197 -27.70 -0.84 6.07
N PHE B 198 -28.64 -1.23 6.91
CA PHE B 198 -28.63 -2.44 7.75
C PHE B 198 -29.66 -3.41 7.18
N THR B 199 -29.27 -4.69 7.06
CA THR B 199 -30.15 -5.80 6.65
C THR B 199 -30.15 -6.83 7.77
N ALA B 200 -31.34 -7.30 8.13
CA ALA B 200 -31.66 -8.20 9.24
C ALA B 200 -32.19 -9.50 8.66
N GLY B 201 -31.65 -10.61 9.13
CA GLY B 201 -32.26 -11.92 8.92
C GLY B 201 -33.55 -12.05 9.72
N VAL B 202 -34.30 -13.08 9.39
CA VAL B 202 -35.55 -13.41 10.13
C VAL B 202 -35.22 -13.39 11.63
N GLY B 203 -36.05 -12.67 12.38
CA GLY B 203 -36.00 -12.66 13.85
C GLY B 203 -34.99 -11.68 14.36
N ILE B 204 -34.31 -10.95 13.45
CA ILE B 204 -33.36 -9.88 13.86
C ILE B 204 -34.08 -8.52 13.76
N GLU B 205 -33.95 -7.73 14.82
CA GLU B 205 -34.40 -6.32 14.91
C GLU B 205 -33.15 -5.51 15.24
N TYR B 206 -32.98 -4.33 14.67
CA TYR B 206 -31.71 -3.56 14.76
C TYR B 206 -31.37 -3.19 16.23
N GLU B 207 -32.27 -2.52 16.94
CA GLU B 207 -32.00 -1.97 18.29
C GLU B 207 -31.62 -3.12 19.22
N SER B 208 -32.43 -4.15 19.29
CA SER B 208 -32.18 -5.25 20.26
C SER B 208 -30.87 -5.97 19.86
N PHE B 209 -30.63 -6.11 18.57
CA PHE B 209 -29.44 -6.80 18.02
C PHE B 209 -28.16 -6.15 18.53
N VAL B 210 -28.05 -4.83 18.41
CA VAL B 210 -26.84 -4.11 18.87
C VAL B 210 -26.84 -4.10 20.41
N ARG B 211 -28.03 -4.01 21.03
CA ARG B 211 -28.17 -4.09 22.51
C ARG B 211 -27.50 -5.42 22.91
N ASP B 212 -27.78 -6.49 22.17
CA ASP B 212 -27.37 -7.86 22.58
C ASP B 212 -25.86 -7.95 22.38
N GLU B 213 -25.40 -7.41 21.26
CA GLU B 213 -23.98 -7.51 20.86
C GLU B 213 -23.12 -6.65 21.79
N LEU B 214 -23.53 -5.41 22.07
CA LEU B 214 -22.61 -4.41 22.69
C LEU B 214 -22.93 -4.15 24.18
N GLY B 215 -24.16 -4.40 24.65
CA GLY B 215 -24.70 -4.05 25.98
C GLY B 215 -25.39 -2.71 25.95
N ALA B 216 -26.47 -2.51 26.71
CA ALA B 216 -27.27 -1.28 26.69
C ALA B 216 -26.33 -0.09 27.01
N ALA B 217 -25.39 -0.30 27.93
CA ALA B 217 -24.57 0.78 28.51
C ALA B 217 -23.58 1.27 27.45
N THR B 218 -23.04 0.39 26.62
CA THR B 218 -22.09 0.79 25.54
C THR B 218 -22.88 1.48 24.40
N VAL B 219 -24.08 1.02 24.08
CA VAL B 219 -24.98 1.71 23.13
C VAL B 219 -25.24 3.14 23.60
N ASP B 220 -25.63 3.35 24.88
CA ASP B 220 -25.98 4.71 25.41
C ASP B 220 -24.75 5.61 25.33
N ARG B 221 -23.61 5.13 25.80
CA ARG B 221 -22.34 5.88 25.70
C ARG B 221 -22.14 6.29 24.23
N PHE B 222 -22.35 5.41 23.26
CA PHE B 222 -22.17 5.73 21.83
C PHE B 222 -23.18 6.81 21.44
N HIS B 223 -24.45 6.65 21.81
CA HIS B 223 -25.52 7.68 21.61
C HIS B 223 -25.07 9.01 22.26
N GLY B 224 -24.30 8.96 23.34
CA GLY B 224 -23.74 10.15 24.01
C GLY B 224 -22.61 10.82 23.25
N VAL B 225 -21.73 10.08 22.59
CA VAL B 225 -20.68 10.69 21.71
C VAL B 225 -21.38 11.49 20.60
N LEU B 226 -22.47 10.97 20.00
CA LEU B 226 -23.19 11.59 18.86
C LEU B 226 -23.92 12.85 19.32
N ARG B 227 -24.56 12.81 20.49
CA ARG B 227 -25.34 13.97 21.02
C ARG B 227 -24.38 15.12 21.37
N GLY B 228 -23.24 14.79 21.99
CA GLY B 228 -22.22 15.77 22.39
C GLY B 228 -21.66 16.50 21.18
N ARG B 229 -21.63 15.82 20.02
CA ARG B 229 -21.15 16.35 18.71
C ARG B 229 -22.33 17.02 18.00
N GLY B 230 -23.51 17.10 18.64
CA GLY B 230 -24.70 17.80 18.10
C GLY B 230 -25.54 16.92 17.18
N LEU B 231 -25.24 15.62 17.07
CA LEU B 231 -25.85 14.74 16.04
C LEU B 231 -26.93 13.91 16.70
N ASP B 232 -27.94 13.55 15.90
CA ASP B 232 -29.12 12.74 16.31
C ASP B 232 -28.75 11.28 16.12
N PRO B 233 -28.70 10.46 17.19
CA PRO B 233 -28.40 9.03 17.05
C PRO B 233 -29.31 8.32 16.04
N ALA B 234 -30.55 8.77 15.87
CA ALA B 234 -31.53 8.17 14.95
C ALA B 234 -31.02 8.21 13.50
N ASP B 235 -30.14 9.15 13.14
CA ASP B 235 -29.65 9.35 11.75
C ASP B 235 -28.43 8.42 11.49
N TYR B 236 -28.02 7.56 12.42
CA TYR B 236 -26.81 6.71 12.23
C TYR B 236 -27.10 5.24 12.55
N LEU B 237 -26.28 4.37 11.96
CA LEU B 237 -26.18 2.91 12.18
C LEU B 237 -24.78 2.54 12.65
N LEU B 238 -24.64 1.58 13.55
CA LEU B 238 -23.32 1.17 14.08
C LEU B 238 -22.69 0.22 13.05
N ILE B 239 -21.41 0.46 12.75
CA ILE B 239 -20.60 -0.41 11.86
C ILE B 239 -19.28 -0.68 12.55
N PRO B 240 -18.95 -1.94 12.89
CA PRO B 240 -17.64 -2.25 13.46
C PRO B 240 -16.62 -2.43 12.35
N VAL B 241 -15.37 -2.03 12.58
CA VAL B 241 -14.30 -2.11 11.56
C VAL B 241 -13.06 -2.72 12.18
N HIS B 242 -12.28 -3.40 11.35
CA HIS B 242 -10.91 -3.84 11.68
C HIS B 242 -10.08 -2.58 11.99
N PRO B 243 -9.38 -2.51 13.18
CA PRO B 243 -8.58 -1.34 13.55
C PRO B 243 -7.59 -0.98 12.44
N TRP B 244 -6.98 -1.96 11.78
CA TRP B 244 -6.14 -1.69 10.57
C TRP B 244 -6.92 -0.90 9.51
N GLN B 245 -8.16 -1.27 9.19
CA GLN B 245 -8.97 -0.56 8.16
C GLN B 245 -9.16 0.89 8.59
N TRP B 246 -9.44 1.13 9.86
CA TRP B 246 -9.71 2.48 10.36
C TRP B 246 -8.46 3.32 10.21
N TRP B 247 -7.34 2.86 10.79
CA TRP B 247 -6.13 3.70 10.98
C TRP B 247 -5.42 3.94 9.67
N ASN B 248 -5.49 2.98 8.74
CA ASN B 248 -4.73 2.97 7.45
C ASN B 248 -5.59 3.37 6.24
N LYS B 249 -6.91 3.19 6.27
CA LYS B 249 -7.77 3.42 5.07
C LYS B 249 -8.91 4.42 5.33
N LEU B 250 -9.69 4.27 6.39
CA LEU B 250 -10.97 5.04 6.52
C LEU B 250 -10.61 6.48 6.86
N THR B 251 -9.55 6.69 7.62
CA THR B 251 -9.13 8.03 8.08
C THR B 251 -8.45 8.80 6.94
N VAL B 252 -8.01 8.12 5.89
CA VAL B 252 -7.33 8.73 4.73
C VAL B 252 -8.23 8.60 3.52
N THR B 253 -8.41 7.41 3.01
CA THR B 253 -9.29 7.19 1.84
C THR B 253 -10.69 7.82 2.05
N PHE B 254 -11.27 7.72 3.26
CA PHE B 254 -12.67 8.14 3.55
C PHE B 254 -12.66 9.35 4.50
N ALA B 255 -11.60 10.14 4.42
CA ALA B 255 -11.37 11.31 5.28
C ALA B 255 -12.57 12.25 5.10
N ALA B 256 -13.06 12.39 3.85
CA ALA B 256 -14.20 13.29 3.53
C ALA B 256 -15.42 12.89 4.35
N GLU B 257 -15.61 11.59 4.53
CA GLU B 257 -16.77 10.98 5.24
C GLU B 257 -16.66 11.31 6.72
N VAL B 258 -15.45 11.13 7.26
CA VAL B 258 -15.13 11.48 8.65
C VAL B 258 -15.31 12.98 8.82
N ALA B 259 -14.69 13.79 7.98
CA ALA B 259 -14.75 15.25 8.21
C ALA B 259 -16.18 15.76 8.18
N ARG B 260 -17.03 15.20 7.30
CA ARG B 260 -18.38 15.74 7.02
C ARG B 260 -19.37 15.20 8.08
N GLY B 261 -18.96 14.22 8.86
CA GLY B 261 -19.82 13.61 9.90
C GLY B 261 -20.65 12.44 9.37
N HIS B 262 -20.41 11.98 8.14
CA HIS B 262 -20.94 10.70 7.60
C HIS B 262 -20.44 9.48 8.38
N LEU B 263 -19.18 9.49 8.81
CA LEU B 263 -18.55 8.56 9.78
C LEU B 263 -18.10 9.34 11.04
N VAL B 264 -18.61 8.96 12.22
CA VAL B 264 -18.15 9.44 13.54
C VAL B 264 -17.41 8.28 14.22
N CYS B 265 -16.17 8.45 14.63
CA CYS B 265 -15.46 7.44 15.47
C CYS B 265 -16.08 7.40 16.88
N LEU B 266 -16.48 6.22 17.34
CA LEU B 266 -17.14 6.01 18.65
C LEU B 266 -16.20 5.38 19.68
N GLY B 267 -15.08 4.78 19.23
CA GLY B 267 -14.03 4.16 20.07
C GLY B 267 -14.00 2.65 19.90
N GLU B 268 -13.17 1.97 20.69
CA GLU B 268 -13.09 0.49 20.78
C GLU B 268 -14.31 -0.05 21.53
N GLY B 269 -14.82 -1.19 21.11
CA GLY B 269 -15.77 -2.00 21.90
C GLY B 269 -14.98 -2.72 22.97
N ASP B 270 -15.63 -3.29 24.00
CA ASP B 270 -14.90 -3.82 25.19
CA ASP B 270 -14.94 -3.84 25.21
C ASP B 270 -14.47 -5.26 24.92
N ASP B 271 -15.30 -6.06 24.25
CA ASP B 271 -15.00 -7.49 24.00
C ASP B 271 -13.69 -7.69 23.21
N GLU B 272 -12.96 -8.77 23.51
CA GLU B 272 -11.69 -9.18 22.86
C GLU B 272 -12.02 -10.21 21.77
N TYR B 273 -11.56 -9.97 20.53
CA TYR B 273 -11.80 -10.87 19.39
C TYR B 273 -10.49 -11.57 19.03
N LEU B 274 -10.63 -12.76 18.42
CA LEU B 274 -9.54 -13.53 17.79
C LEU B 274 -9.73 -13.54 16.27
N ALA B 275 -8.77 -13.08 15.50
CA ALA B 275 -8.83 -13.22 14.02
C ALA B 275 -8.87 -14.71 13.73
N GLN B 276 -9.74 -15.14 12.82
CA GLN B 276 -9.79 -16.57 12.41
C GLN B 276 -8.92 -16.75 11.17
N GLN B 277 -8.68 -17.99 10.77
CA GLN B 277 -7.95 -18.38 9.53
C GLN B 277 -8.27 -17.39 8.41
N SER B 278 -9.54 -17.05 8.25
CA SER B 278 -9.96 -15.85 7.50
C SER B 278 -9.63 -14.67 8.41
N ILE B 279 -8.68 -13.86 7.97
CA ILE B 279 -7.93 -12.84 8.77
C ILE B 279 -8.91 -11.73 9.19
N ARG B 280 -9.93 -11.48 8.36
CA ARG B 280 -10.88 -10.36 8.62
C ARG B 280 -12.15 -10.85 9.32
N THR B 281 -12.20 -12.12 9.72
CA THR B 281 -13.36 -12.66 10.48
C THR B 281 -12.93 -12.82 11.93
N PHE B 282 -13.75 -12.31 12.81
CA PHE B 282 -13.42 -12.27 14.25
C PHE B 282 -14.43 -13.06 15.05
N PHE B 283 -13.90 -13.91 15.92
CA PHE B 283 -14.64 -14.75 16.91
C PHE B 283 -14.51 -14.07 18.26
N ASN B 284 -15.58 -14.03 19.04
CA ASN B 284 -15.68 -13.23 20.31
C ASN B 284 -15.13 -14.06 21.46
N ALA B 285 -13.85 -13.91 21.81
CA ALA B 285 -13.19 -14.67 22.91
C ALA B 285 -13.79 -14.30 24.26
N SER B 286 -14.21 -13.05 24.47
CA SER B 286 -14.80 -12.60 25.76
C SER B 286 -16.15 -13.30 25.96
N HIS B 287 -16.87 -13.56 24.86
CA HIS B 287 -18.23 -14.18 24.89
C HIS B 287 -18.31 -15.08 23.67
N PRO B 288 -17.88 -16.36 23.75
CA PRO B 288 -17.86 -17.29 22.61
C PRO B 288 -19.22 -17.44 21.93
N GLY B 289 -20.30 -17.21 22.68
CA GLY B 289 -21.68 -17.35 22.18
C GLY B 289 -22.18 -16.21 21.27
N LYS B 290 -21.54 -15.05 21.30
CA LYS B 290 -21.99 -13.88 20.51
C LYS B 290 -21.45 -14.01 19.09
N HIS B 291 -21.91 -13.13 18.21
CA HIS B 291 -21.66 -13.26 16.75
C HIS B 291 -20.17 -13.13 16.44
N TYR B 292 -19.69 -13.93 15.49
CA TYR B 292 -18.51 -13.54 14.69
C TYR B 292 -18.80 -12.19 14.02
N VAL B 293 -17.79 -11.37 13.82
CA VAL B 293 -17.94 -10.12 13.00
C VAL B 293 -16.99 -10.29 11.82
N LYS B 294 -17.49 -10.27 10.61
CA LYS B 294 -16.64 -10.26 9.39
C LYS B 294 -16.48 -8.82 8.88
N THR B 295 -15.23 -8.38 8.66
CA THR B 295 -14.89 -6.95 8.48
C THR B 295 -14.25 -6.73 7.12
N ALA B 296 -14.40 -5.52 6.57
CA ALA B 296 -13.65 -5.04 5.39
C ALA B 296 -12.17 -4.78 5.79
N LEU B 297 -11.25 -5.32 4.98
CA LEU B 297 -9.79 -5.29 5.26
C LEU B 297 -9.01 -5.24 3.93
N SER B 298 -8.57 -4.07 3.53
CA SER B 298 -7.94 -3.83 2.20
C SER B 298 -6.44 -4.20 2.25
N VAL B 299 -6.14 -5.48 2.44
CA VAL B 299 -4.75 -6.08 2.37
C VAL B 299 -4.69 -6.99 1.13
N LEU B 300 -3.52 -7.28 0.52
CA LEU B 300 -3.48 -8.48 -0.42
C LEU B 300 -3.15 -9.80 0.31
N ASN B 301 -4.10 -10.76 0.26
CA ASN B 301 -3.96 -12.22 0.61
C ASN B 301 -4.49 -13.14 -0.53
N MET B 302 -3.73 -14.20 -0.82
CA MET B 302 -4.05 -15.32 -1.75
C MET B 302 -4.91 -14.89 -2.96
N GLY B 303 -4.49 -13.82 -3.65
CA GLY B 303 -5.01 -13.40 -4.98
C GLY B 303 -6.26 -12.53 -4.92
N PHE B 304 -6.50 -11.81 -3.81
CA PHE B 304 -7.71 -10.99 -3.55
C PHE B 304 -7.42 -9.99 -2.42
N MET B 305 -7.87 -8.72 -2.54
CA MET B 305 -8.07 -7.82 -1.35
C MET B 305 -9.18 -8.44 -0.49
N GLN B 306 -9.01 -8.53 0.83
CA GLN B 306 -10.02 -9.09 1.78
C GLN B 306 -11.06 -8.00 2.13
N GLY B 307 -11.33 -7.07 1.18
CA GLY B 307 -12.44 -6.12 1.20
C GLY B 307 -13.72 -6.90 1.40
N LEU B 308 -14.78 -6.21 1.75
CA LEU B 308 -16.13 -6.79 1.93
C LEU B 308 -17.13 -5.89 1.18
N SER B 309 -17.88 -6.48 0.24
CA SER B 309 -18.76 -5.73 -0.68
C SER B 309 -19.95 -5.24 0.13
N ALA B 310 -20.27 -3.96 0.01
CA ALA B 310 -21.44 -3.30 0.64
C ALA B 310 -22.67 -3.77 -0.12
N ALA B 311 -22.51 -4.05 -1.40
CA ALA B 311 -23.62 -4.33 -2.32
C ALA B 311 -24.12 -5.77 -2.09
N TYR B 312 -23.25 -6.68 -1.69
CA TYR B 312 -23.61 -8.08 -1.38
C TYR B 312 -24.45 -8.12 -0.09
N MET B 313 -24.42 -7.07 0.72
CA MET B 313 -24.93 -7.16 2.10
C MET B 313 -26.45 -7.28 2.04
N GLU B 314 -27.07 -6.51 1.19
CA GLU B 314 -28.55 -6.36 1.17
C GLU B 314 -29.22 -7.74 1.13
N ALA B 315 -28.65 -8.69 0.36
CA ALA B 315 -29.26 -10.01 0.06
C ALA B 315 -28.70 -11.06 1.01
N THR B 316 -27.79 -10.72 1.88
CA THR B 316 -26.89 -11.74 2.49
C THR B 316 -27.69 -12.53 3.53
N PRO B 317 -28.44 -11.89 4.44
CA PRO B 317 -29.20 -12.65 5.44
C PRO B 317 -30.33 -13.46 4.81
N ALA B 318 -30.90 -12.95 3.73
CA ALA B 318 -32.01 -13.65 3.03
C ALA B 318 -31.48 -14.96 2.46
N ILE B 319 -30.25 -14.99 1.94
CA ILE B 319 -29.61 -16.17 1.32
C ILE B 319 -29.41 -17.21 2.41
N ASN B 320 -28.95 -16.77 3.55
CA ASN B 320 -28.74 -17.61 4.73
C ASN B 320 -30.05 -18.20 5.22
N ASP B 321 -31.11 -17.40 5.34
CA ASP B 321 -32.45 -17.83 5.82
C ASP B 321 -33.06 -18.88 4.87
N TRP B 322 -33.01 -18.62 3.56
CA TRP B 322 -33.48 -19.57 2.51
C TRP B 322 -32.67 -20.85 2.64
N LEU B 323 -31.37 -20.81 2.96
CA LEU B 323 -30.57 -22.05 3.03
C LEU B 323 -30.95 -22.78 4.31
N ALA B 324 -31.01 -22.10 5.44
CA ALA B 324 -31.31 -22.79 6.71
C ALA B 324 -32.62 -23.56 6.53
N ARG B 325 -33.62 -22.92 5.94
CA ARG B 325 -35.00 -23.45 5.82
C ARG B 325 -34.96 -24.69 4.95
N LEU B 326 -34.17 -24.63 3.89
CA LEU B 326 -34.01 -25.72 2.91
C LEU B 326 -33.38 -26.95 3.60
N ILE B 327 -32.36 -26.75 4.43
CA ILE B 327 -31.71 -27.83 5.22
C ILE B 327 -32.71 -28.43 6.22
N GLU B 328 -33.44 -27.59 6.93
CA GLU B 328 -34.53 -28.00 7.84
C GLU B 328 -35.54 -28.96 7.16
N GLY B 329 -35.91 -28.69 5.90
CA GLY B 329 -37.05 -29.38 5.23
C GLY B 329 -36.64 -30.58 4.40
N ASP B 330 -35.34 -30.89 4.32
CA ASP B 330 -34.79 -32.00 3.49
C ASP B 330 -34.40 -33.18 4.40
N PRO B 331 -35.16 -34.32 4.33
CA PRO B 331 -34.84 -35.55 5.06
C PRO B 331 -33.37 -36.01 5.03
N VAL B 332 -32.76 -36.07 3.85
CA VAL B 332 -31.34 -36.47 3.69
C VAL B 332 -30.43 -35.53 4.46
N LEU B 333 -30.56 -34.21 4.26
CA LEU B 333 -29.76 -33.21 5.01
C LEU B 333 -30.06 -33.30 6.50
N LYS B 334 -31.32 -33.52 6.90
CA LYS B 334 -31.64 -33.74 8.34
C LYS B 334 -30.81 -34.89 8.92
N GLU B 335 -30.66 -35.97 8.18
CA GLU B 335 -30.03 -37.23 8.66
C GLU B 335 -28.50 -37.08 8.75
N THR B 336 -27.86 -36.24 7.92
CA THR B 336 -26.41 -35.96 8.00
C THR B 336 -26.13 -35.06 9.22
N GLY B 337 -27.12 -34.38 9.76
CA GLY B 337 -26.96 -33.49 10.93
C GLY B 337 -26.42 -32.12 10.54
N LEU B 338 -26.29 -31.86 9.23
CA LEU B 338 -25.85 -30.56 8.68
C LEU B 338 -26.59 -29.38 9.30
N SER B 339 -25.87 -28.29 9.38
CA SER B 339 -26.37 -26.99 9.90
C SER B 339 -25.44 -25.93 9.32
N ILE B 340 -25.91 -24.71 9.23
CA ILE B 340 -25.00 -23.56 8.91
C ILE B 340 -25.05 -22.68 10.14
N ILE B 341 -24.03 -21.85 10.29
CA ILE B 341 -24.11 -20.64 11.13
C ILE B 341 -24.44 -19.51 10.16
N ARG B 342 -25.60 -18.91 10.35
CA ARG B 342 -26.08 -17.91 9.40
C ARG B 342 -25.27 -16.62 9.55
N GLU B 343 -25.10 -15.93 8.44
CA GLU B 343 -24.92 -14.47 8.46
C GLU B 343 -26.29 -13.85 8.77
N ARG B 344 -26.48 -13.41 10.02
CA ARG B 344 -27.76 -12.94 10.59
C ARG B 344 -28.04 -11.49 10.22
N ALA B 345 -26.98 -10.68 10.09
CA ALA B 345 -27.05 -9.21 10.00
C ALA B 345 -25.88 -8.66 9.19
N ALA B 346 -26.13 -7.56 8.53
CA ALA B 346 -25.16 -6.99 7.60
C ALA B 346 -25.39 -5.49 7.59
N VAL B 347 -24.30 -4.76 7.39
CA VAL B 347 -24.38 -3.30 7.20
C VAL B 347 -23.42 -2.98 6.08
N GLY B 348 -23.88 -2.17 5.15
CA GLY B 348 -23.08 -1.67 4.04
C GLY B 348 -23.00 -0.18 4.14
N TYR B 349 -21.88 0.37 3.61
CA TYR B 349 -21.63 1.81 3.41
C TYR B 349 -21.36 2.10 1.93
N ARG B 350 -22.21 2.89 1.31
CA ARG B 350 -22.04 3.26 -0.13
C ARG B 350 -21.29 4.59 -0.19
N HIS B 351 -20.00 4.56 -0.50
CA HIS B 351 -19.24 5.82 -0.77
C HIS B 351 -19.69 6.35 -2.11
N LEU B 352 -20.50 7.42 -2.09
CA LEU B 352 -21.20 7.90 -3.30
C LEU B 352 -20.18 8.38 -4.30
N GLU B 353 -19.13 9.07 -3.86
CA GLU B 353 -18.16 9.68 -4.79
C GLU B 353 -17.32 8.57 -5.43
N TYR B 354 -16.74 7.66 -4.65
CA TYR B 354 -15.90 6.57 -5.21
C TYR B 354 -16.76 5.70 -6.13
N GLU B 355 -18.07 5.57 -5.84
CA GLU B 355 -19.04 4.88 -6.72
C GLU B 355 -19.15 5.59 -8.07
N GLN B 356 -19.30 6.92 -8.08
CA GLN B 356 -19.32 7.71 -9.33
C GLN B 356 -17.98 7.62 -10.06
N ALA B 357 -16.87 7.30 -9.40
CA ALA B 357 -15.52 7.28 -10.01
C ALA B 357 -15.00 5.87 -10.35
N THR B 358 -15.73 4.79 -10.08
CA THR B 358 -15.22 3.40 -10.24
C THR B 358 -16.30 2.51 -10.87
N ASP B 359 -15.95 1.30 -11.30
CA ASP B 359 -16.94 0.28 -11.74
C ASP B 359 -17.35 -0.51 -10.49
N ARG B 360 -18.41 -1.32 -10.59
CA ARG B 360 -18.94 -2.15 -9.48
C ARG B 360 -17.91 -3.16 -9.01
N TYR B 361 -16.87 -3.44 -9.78
CA TYR B 361 -15.78 -4.39 -9.43
C TYR B 361 -14.61 -3.73 -8.69
N SER B 362 -14.65 -2.43 -8.39
CA SER B 362 -13.51 -1.68 -7.78
C SER B 362 -13.39 -1.99 -6.29
N PRO B 363 -12.17 -2.23 -5.74
CA PRO B 363 -11.99 -2.41 -4.30
C PRO B 363 -12.26 -1.11 -3.54
N TYR B 364 -12.53 -0.01 -4.25
CA TYR B 364 -12.93 1.27 -3.61
C TYR B 364 -14.40 1.21 -3.15
N ARG B 365 -15.16 0.17 -3.53
CA ARG B 365 -16.55 -0.01 -3.05
C ARG B 365 -16.62 -1.14 -2.05
N LYS B 366 -15.46 -1.65 -1.64
CA LYS B 366 -15.36 -2.84 -0.76
C LYS B 366 -14.66 -2.47 0.57
N MET B 367 -14.60 -1.19 0.94
CA MET B 367 -13.70 -0.73 2.02
C MET B 367 -14.47 -0.53 3.33
N LEU B 368 -15.79 -0.66 3.29
CA LEU B 368 -16.62 -0.45 4.52
C LEU B 368 -17.95 -1.21 4.41
N ALA B 369 -17.92 -2.45 4.88
CA ALA B 369 -19.12 -3.25 5.20
C ALA B 369 -18.76 -4.07 6.42
N ALA B 370 -19.73 -4.79 6.95
CA ALA B 370 -19.52 -5.78 8.01
C ALA B 370 -20.69 -6.75 7.99
N LEU B 371 -20.46 -7.98 8.43
CA LEU B 371 -21.61 -8.84 8.72
C LEU B 371 -21.37 -9.56 10.04
N TRP B 372 -22.48 -9.87 10.69
CA TRP B 372 -22.52 -10.75 11.87
C TRP B 372 -22.96 -12.16 11.45
N ARG B 373 -22.29 -13.16 12.01
CA ARG B 373 -22.57 -14.59 11.78
C ARG B 373 -22.62 -15.27 13.15
N GLU B 374 -23.64 -16.11 13.36
CA GLU B 374 -23.87 -16.79 14.67
C GLU B 374 -22.67 -17.71 14.99
N SER B 375 -22.32 -17.80 16.26
CA SER B 375 -21.27 -18.69 16.84
C SER B 375 -21.86 -20.09 16.89
N PRO B 376 -21.04 -21.12 16.60
CA PRO B 376 -21.43 -22.52 16.81
C PRO B 376 -21.43 -22.98 18.28
N VAL B 377 -20.86 -22.20 19.19
CA VAL B 377 -20.62 -22.61 20.61
C VAL B 377 -21.95 -22.92 21.31
N PRO B 378 -23.03 -22.11 21.17
CA PRO B 378 -24.27 -22.36 21.92
C PRO B 378 -24.98 -23.69 21.57
N SER B 379 -24.73 -24.18 20.35
CA SER B 379 -25.37 -25.37 19.75
C SER B 379 -24.72 -26.64 20.28
N ILE B 380 -23.52 -26.57 20.86
CA ILE B 380 -22.85 -27.81 21.36
C ILE B 380 -23.34 -28.18 22.79
N ARG B 381 -23.28 -29.49 23.02
CA ARG B 381 -23.66 -30.22 24.24
C ARG B 381 -22.37 -30.79 24.84
N GLU B 382 -22.38 -31.10 26.15
CA GLU B 382 -21.25 -31.75 26.89
C GLU B 382 -20.58 -32.87 26.07
N GLY B 383 -19.27 -33.00 26.16
CA GLY B 383 -18.50 -34.01 25.41
C GLY B 383 -18.28 -33.56 23.97
N GLU B 384 -18.89 -32.46 23.53
CA GLU B 384 -18.67 -31.91 22.16
C GLU B 384 -17.64 -30.77 22.18
N THR B 385 -16.83 -30.69 21.13
CA THR B 385 -15.82 -29.62 20.95
C THR B 385 -15.86 -29.25 19.47
N LEU B 386 -15.33 -28.08 19.11
CA LEU B 386 -15.40 -27.51 17.74
C LEU B 386 -13.98 -27.49 17.15
N ALA B 387 -13.82 -27.72 15.84
CA ALA B 387 -12.55 -27.62 15.12
C ALA B 387 -12.81 -27.36 13.64
N THR B 388 -12.08 -26.43 13.07
CA THR B 388 -12.14 -26.19 11.60
C THR B 388 -11.79 -27.52 10.92
N MET B 389 -12.54 -27.84 9.90
CA MET B 389 -12.13 -28.96 9.01
C MET B 389 -10.65 -28.84 8.61
N ALA B 390 -10.07 -27.64 8.49
CA ALA B 390 -8.65 -27.53 8.08
C ALA B 390 -7.77 -28.37 9.02
N SER B 391 -8.22 -28.56 10.25
CA SER B 391 -7.44 -29.33 11.27
C SER B 391 -7.14 -30.73 10.68
N LEU B 392 -8.02 -31.25 9.81
CA LEU B 392 -7.92 -32.68 9.37
C LEU B 392 -6.67 -32.88 8.48
N VAL B 393 -6.19 -31.82 7.83
CA VAL B 393 -4.96 -31.88 7.00
C VAL B 393 -3.82 -31.18 7.76
N HIS B 394 -4.02 -30.88 9.03
CA HIS B 394 -2.92 -30.44 9.92
C HIS B 394 -1.96 -31.60 10.15
N GLN B 395 -0.66 -31.35 9.95
CA GLN B 395 0.42 -32.14 10.59
C GLN B 395 1.11 -31.27 11.66
N ASP B 396 1.60 -31.87 12.75
CA ASP B 396 2.38 -31.11 13.76
C ASP B 396 3.85 -31.07 13.29
N HIS B 397 4.74 -30.54 14.12
CA HIS B 397 6.20 -30.41 13.84
C HIS B 397 6.83 -31.78 13.57
N GLU B 398 6.20 -32.88 14.01
CA GLU B 398 6.72 -34.28 13.84
C GLU B 398 6.16 -34.98 12.59
N GLY B 399 5.35 -34.33 11.76
CA GLY B 399 4.64 -35.00 10.65
C GLY B 399 3.30 -35.67 11.05
N ALA B 400 2.89 -35.57 12.32
CA ALA B 400 1.75 -36.34 12.88
C ALA B 400 0.40 -35.67 12.53
N SER B 401 -0.43 -36.37 11.75
CA SER B 401 -1.81 -35.98 11.33
C SER B 401 -2.72 -35.72 12.55
N PHE B 402 -3.39 -34.56 12.59
CA PHE B 402 -4.48 -34.26 13.58
C PHE B 402 -5.70 -35.20 13.36
N ALA B 403 -6.08 -35.50 12.12
CA ALA B 403 -7.04 -36.56 11.79
C ALA B 403 -6.60 -37.89 12.43
N GLY B 404 -5.32 -38.24 12.30
CA GLY B 404 -4.74 -39.48 12.86
C GLY B 404 -4.97 -39.53 14.35
N ALA B 405 -4.89 -38.39 15.00
CA ALA B 405 -5.01 -38.28 16.46
C ALA B 405 -6.49 -38.35 16.90
N LEU B 406 -7.43 -37.79 16.13
CA LEU B 406 -8.88 -38.01 16.33
C LEU B 406 -9.23 -39.49 16.16
N ILE B 407 -8.58 -40.18 15.22
CA ILE B 407 -8.77 -41.64 15.01
C ILE B 407 -8.30 -42.40 16.25
N GLU B 408 -7.07 -42.13 16.72
CA GLU B 408 -6.51 -42.81 17.92
C GLU B 408 -7.42 -42.52 19.13
N ARG B 409 -7.80 -41.28 19.34
CA ARG B 409 -8.70 -40.86 20.45
C ARG B 409 -10.05 -41.60 20.38
N SER B 410 -10.54 -41.86 19.16
CA SER B 410 -11.89 -42.40 18.89
C SER B 410 -11.97 -43.89 19.25
N GLY B 411 -10.90 -44.66 19.00
CA GLY B 411 -10.87 -46.13 19.14
C GLY B 411 -11.48 -46.84 17.95
N LEU B 412 -12.14 -46.12 17.05
CA LEU B 412 -12.65 -46.67 15.76
C LEU B 412 -11.49 -47.12 14.89
N THR B 413 -11.76 -47.98 13.91
CA THR B 413 -10.82 -48.20 12.79
C THR B 413 -10.72 -46.87 12.04
N PRO B 414 -9.60 -46.63 11.34
CA PRO B 414 -9.53 -45.47 10.45
C PRO B 414 -10.79 -45.31 9.58
N THR B 415 -11.21 -46.37 8.89
CA THR B 415 -12.31 -46.34 7.90
C THR B 415 -13.66 -46.08 8.60
N GLU B 416 -13.89 -46.60 9.81
CA GLU B 416 -15.14 -46.35 10.56
C GLU B 416 -15.20 -44.86 10.82
N TRP B 417 -14.03 -44.30 11.16
CA TRP B 417 -13.88 -42.86 11.50
C TRP B 417 -14.18 -42.03 10.27
N LEU B 418 -13.57 -42.41 9.13
CA LEU B 418 -13.84 -41.81 7.79
C LEU B 418 -15.34 -41.76 7.44
N ARG B 419 -16.06 -42.86 7.68
CA ARG B 419 -17.48 -42.99 7.31
C ARG B 419 -18.30 -41.94 8.13
N HIS B 420 -18.00 -41.72 9.41
CA HIS B 420 -18.70 -40.71 10.24
C HIS B 420 -18.42 -39.32 9.67
N TYR B 421 -17.15 -39.01 9.37
CA TYR B 421 -16.75 -37.72 8.78
C TYR B 421 -17.44 -37.59 7.42
N LEU B 422 -17.38 -38.60 6.54
CA LEU B 422 -17.86 -38.39 5.16
C LEU B 422 -19.41 -38.25 5.16
N ARG B 423 -20.09 -38.83 6.14
CA ARG B 423 -21.57 -38.78 6.21
C ARG B 423 -21.92 -37.34 6.61
N ALA B 424 -21.04 -36.69 7.36
CA ALA B 424 -21.37 -35.41 8.01
C ALA B 424 -21.05 -34.26 7.07
N TYR B 425 -19.93 -34.35 6.35
CA TYR B 425 -19.36 -33.26 5.53
C TYR B 425 -19.65 -33.44 4.03
N TYR B 426 -19.47 -34.66 3.52
CA TYR B 426 -19.37 -34.97 2.08
C TYR B 426 -20.77 -35.26 1.54
N VAL B 427 -21.58 -36.04 2.26
CA VAL B 427 -22.93 -36.48 1.79
C VAL B 427 -23.82 -35.24 1.61
N PRO B 428 -23.80 -34.21 2.47
CA PRO B 428 -24.59 -33.02 2.23
C PRO B 428 -24.27 -32.37 0.88
N LEU B 429 -23.01 -32.48 0.45
CA LEU B 429 -22.48 -31.82 -0.77
C LEU B 429 -23.02 -32.56 -2.01
N LEU B 430 -22.97 -33.90 -2.03
CA LEU B 430 -23.62 -34.77 -3.05
C LEU B 430 -25.11 -34.42 -3.12
N HIS B 431 -25.78 -34.41 -1.98
CA HIS B 431 -27.26 -34.26 -1.96
C HIS B 431 -27.63 -32.87 -2.50
N SER B 432 -26.91 -31.84 -2.07
CA SER B 432 -27.13 -30.43 -2.43
C SER B 432 -26.95 -30.27 -3.94
N PHE B 433 -25.95 -30.96 -4.50
CA PHE B 433 -25.60 -30.92 -5.92
C PHE B 433 -26.76 -31.56 -6.69
N TYR B 434 -27.07 -32.78 -6.29
CA TYR B 434 -27.96 -33.67 -7.08
C TYR B 434 -29.41 -33.23 -6.86
N ALA B 435 -29.78 -32.88 -5.64
CA ALA B 435 -31.20 -32.59 -5.31
C ALA B 435 -31.55 -31.14 -5.70
N TYR B 436 -30.63 -30.20 -5.56
CA TYR B 436 -30.90 -28.75 -5.67
C TYR B 436 -29.91 -28.00 -6.59
N ASP B 437 -28.88 -28.65 -7.12
CA ASP B 437 -27.87 -28.00 -8.00
C ASP B 437 -27.10 -26.97 -7.17
N LEU B 438 -27.07 -27.19 -5.85
CA LEU B 438 -26.49 -26.24 -4.88
C LEU B 438 -25.08 -26.69 -4.61
N VAL B 439 -24.11 -25.77 -4.72
CA VAL B 439 -22.66 -25.99 -4.43
C VAL B 439 -22.19 -24.89 -3.48
N TYR B 440 -21.22 -25.18 -2.63
CA TYR B 440 -20.73 -24.20 -1.62
C TYR B 440 -19.27 -23.94 -1.96
N MET B 441 -18.49 -23.45 -1.02
CA MET B 441 -17.02 -23.45 -1.16
C MET B 441 -16.46 -24.24 0.02
N PRO B 442 -16.53 -25.57 -0.01
CA PRO B 442 -16.40 -26.36 1.21
C PRO B 442 -14.97 -26.79 1.58
N HIS B 443 -14.01 -25.86 1.61
CA HIS B 443 -12.60 -26.10 1.97
C HIS B 443 -12.42 -26.04 3.49
N GLY B 444 -11.23 -26.34 3.98
CA GLY B 444 -10.99 -26.44 5.44
C GLY B 444 -11.57 -25.26 6.19
N GLU B 445 -11.36 -24.06 5.66
CA GLU B 445 -11.65 -22.74 6.29
C GLU B 445 -13.18 -22.56 6.43
N ASN B 446 -13.96 -23.22 5.58
CA ASN B 446 -15.40 -22.97 5.37
C ASN B 446 -16.28 -23.98 6.09
N VAL B 447 -15.67 -24.96 6.74
CA VAL B 447 -16.40 -26.01 7.52
C VAL B 447 -15.86 -26.05 8.95
N ILE B 448 -16.75 -26.27 9.90
CA ILE B 448 -16.43 -26.47 11.35
C ILE B 448 -16.96 -27.87 11.68
N LEU B 449 -16.17 -28.69 12.33
CA LEU B 449 -16.61 -30.04 12.72
C LEU B 449 -17.04 -30.02 14.18
N VAL B 450 -18.11 -30.77 14.50
CA VAL B 450 -18.51 -31.06 15.89
C VAL B 450 -17.91 -32.43 16.21
N LEU B 451 -17.12 -32.48 17.27
CA LEU B 451 -16.42 -33.71 17.66
C LEU B 451 -17.00 -34.24 18.97
N ALA B 452 -17.06 -35.56 19.12
CA ALA B 452 -17.39 -36.24 20.38
C ALA B 452 -16.50 -37.48 20.48
N ASP B 453 -15.75 -37.57 21.57
CA ASP B 453 -14.73 -38.63 21.79
C ASP B 453 -13.95 -38.89 20.48
N GLY B 454 -13.50 -37.84 19.80
CA GLY B 454 -12.63 -37.99 18.60
C GLY B 454 -13.39 -38.21 17.30
N VAL B 455 -14.72 -38.30 17.35
CA VAL B 455 -15.59 -38.67 16.20
C VAL B 455 -16.22 -37.40 15.62
N VAL B 456 -16.30 -37.30 14.29
CA VAL B 456 -17.08 -36.23 13.63
C VAL B 456 -18.56 -36.61 13.75
N ARG B 457 -19.31 -35.79 14.45
CA ARG B 457 -20.74 -36.02 14.73
C ARG B 457 -21.53 -35.31 13.65
N ARG B 458 -21.13 -34.08 13.34
CA ARG B 458 -21.86 -33.21 12.38
C ARG B 458 -20.95 -32.05 11.98
N ALA B 459 -21.22 -31.52 10.81
CA ALA B 459 -20.47 -30.43 10.16
C ALA B 459 -21.35 -29.17 10.10
N VAL B 460 -20.70 -28.01 10.22
CA VAL B 460 -21.34 -26.67 10.16
C VAL B 460 -20.69 -25.95 9.00
N TYR B 461 -21.46 -25.67 7.94
CA TYR B 461 -21.01 -24.82 6.81
C TYR B 461 -21.13 -23.36 7.26
N LYS B 462 -20.12 -22.54 6.92
CA LYS B 462 -20.12 -21.04 6.96
C LYS B 462 -19.64 -20.47 5.62
N ASP B 463 -19.74 -19.14 5.51
CA ASP B 463 -19.39 -18.38 4.27
C ASP B 463 -20.47 -18.71 3.23
N ILE B 464 -21.70 -18.30 3.52
CA ILE B 464 -22.90 -18.70 2.73
C ILE B 464 -23.14 -17.71 1.60
N ALA B 465 -23.46 -16.43 1.88
CA ALA B 465 -23.94 -15.51 0.83
C ALA B 465 -22.86 -15.35 -0.25
N GLU B 466 -21.59 -15.30 0.13
CA GLU B 466 -20.52 -14.94 -0.84
C GLU B 466 -20.21 -16.15 -1.71
N GLU B 467 -20.49 -17.37 -1.27
CA GLU B 467 -19.88 -18.60 -1.87
C GLU B 467 -20.89 -19.49 -2.62
N ILE B 468 -22.12 -19.64 -2.13
CA ILE B 468 -23.07 -20.68 -2.65
C ILE B 468 -23.58 -20.27 -4.03
N ALA B 469 -23.81 -21.25 -4.88
CA ALA B 469 -24.47 -21.06 -6.19
C ALA B 469 -25.50 -22.17 -6.40
N VAL B 470 -26.50 -21.87 -7.21
CA VAL B 470 -27.44 -22.85 -7.79
C VAL B 470 -27.07 -22.94 -9.26
N MET B 471 -26.64 -24.09 -9.75
CA MET B 471 -26.17 -24.26 -11.16
C MET B 471 -27.32 -24.65 -12.06
N ASP B 472 -28.20 -23.68 -12.25
CA ASP B 472 -29.44 -23.72 -13.08
C ASP B 472 -29.93 -22.29 -13.21
N PRO B 473 -29.80 -21.64 -14.40
CA PRO B 473 -30.25 -20.27 -14.58
C PRO B 473 -31.76 -20.03 -14.38
N ASP B 474 -32.60 -21.08 -14.42
CA ASP B 474 -34.08 -20.93 -14.27
C ASP B 474 -34.53 -21.26 -12.85
N ALA B 475 -33.67 -21.82 -12.00
CA ALA B 475 -33.99 -22.02 -10.57
C ALA B 475 -35.07 -21.01 -10.19
N VAL B 476 -36.29 -21.43 -9.83
CA VAL B 476 -37.25 -20.48 -9.18
C VAL B 476 -36.82 -20.38 -7.73
N LEU B 477 -36.42 -19.18 -7.32
CA LEU B 477 -36.02 -18.83 -5.94
C LEU B 477 -36.80 -17.58 -5.54
N PRO B 478 -36.95 -17.32 -4.21
CA PRO B 478 -37.32 -15.99 -3.72
C PRO B 478 -36.53 -14.84 -4.35
N PRO B 479 -37.19 -13.78 -4.91
CA PRO B 479 -36.49 -12.72 -5.62
C PRO B 479 -35.15 -12.31 -4.99
N GLU B 480 -35.06 -12.33 -3.66
CA GLU B 480 -33.91 -11.75 -2.89
C GLU B 480 -32.66 -12.64 -3.06
N VAL B 481 -32.83 -13.94 -3.27
CA VAL B 481 -31.71 -14.93 -3.32
C VAL B 481 -31.38 -15.32 -4.77
N SER B 482 -32.11 -14.86 -5.78
CA SER B 482 -31.94 -15.35 -7.18
C SER B 482 -30.59 -14.94 -7.81
N ARG B 483 -29.82 -14.02 -7.23
CA ARG B 483 -28.45 -13.73 -7.76
C ARG B 483 -27.62 -15.02 -7.63
N ILE B 484 -27.86 -15.88 -6.64
CA ILE B 484 -27.07 -17.14 -6.50
C ILE B 484 -27.23 -18.01 -7.75
N ALA B 485 -28.26 -17.81 -8.57
CA ALA B 485 -28.48 -18.64 -9.78
C ALA B 485 -27.42 -18.32 -10.83
N VAL B 486 -26.61 -19.29 -11.20
CA VAL B 486 -25.49 -19.13 -12.19
C VAL B 486 -25.71 -20.02 -13.43
N ASP B 487 -24.96 -19.74 -14.50
CA ASP B 487 -24.85 -20.60 -15.71
C ASP B 487 -23.46 -21.25 -15.76
N VAL B 488 -23.41 -22.56 -15.55
CA VAL B 488 -22.17 -23.37 -15.55
C VAL B 488 -22.43 -24.52 -16.50
N PRO B 489 -21.55 -24.81 -17.48
CA PRO B 489 -21.86 -25.80 -18.52
C PRO B 489 -21.93 -27.19 -17.89
N ASP B 490 -22.82 -28.05 -18.34
CA ASP B 490 -23.05 -29.35 -17.67
C ASP B 490 -21.69 -29.99 -17.42
N ASP B 491 -20.76 -29.95 -18.38
CA ASP B 491 -19.47 -30.68 -18.30
C ASP B 491 -18.55 -30.10 -17.23
N LYS B 492 -18.99 -29.15 -16.40
CA LYS B 492 -18.09 -28.49 -15.42
C LYS B 492 -18.73 -28.54 -14.02
N LYS B 493 -20.03 -28.85 -13.95
CA LYS B 493 -20.82 -28.77 -12.71
C LYS B 493 -20.17 -29.63 -11.64
N LEU B 494 -19.88 -30.89 -11.95
CA LEU B 494 -19.38 -31.89 -10.96
C LEU B 494 -17.99 -31.51 -10.44
N LEU B 495 -17.23 -30.69 -11.16
CA LEU B 495 -15.91 -30.17 -10.69
C LEU B 495 -16.04 -29.50 -9.31
N SER B 496 -17.22 -29.06 -8.95
CA SER B 496 -17.49 -28.50 -7.60
C SER B 496 -17.18 -29.55 -6.57
N ILE B 497 -17.44 -30.80 -6.90
CA ILE B 497 -17.09 -31.93 -5.99
C ILE B 497 -15.64 -32.38 -6.29
N PHE B 498 -15.33 -32.77 -7.52
CA PHE B 498 -14.01 -33.37 -7.84
C PHE B 498 -12.87 -32.38 -7.52
N THR B 499 -13.03 -31.11 -7.82
CA THR B 499 -11.95 -30.13 -7.58
C THR B 499 -11.97 -29.76 -6.10
N ASP B 500 -13.08 -29.29 -5.53
CA ASP B 500 -12.96 -28.55 -4.24
C ASP B 500 -12.90 -29.51 -3.07
N VAL B 501 -13.53 -30.68 -3.22
CA VAL B 501 -13.44 -31.82 -2.26
C VAL B 501 -12.31 -32.80 -2.65
N PHE B 502 -12.32 -33.43 -3.83
CA PHE B 502 -11.33 -34.52 -4.04
C PHE B 502 -9.94 -33.90 -4.11
N ASP B 503 -9.73 -33.05 -5.12
CA ASP B 503 -8.38 -32.65 -5.51
C ASP B 503 -7.77 -31.64 -4.51
N CYS B 504 -8.56 -30.80 -3.85
CA CYS B 504 -8.05 -29.66 -3.01
C CYS B 504 -8.16 -30.00 -1.54
N PHE B 505 -8.72 -31.15 -1.16
CA PHE B 505 -8.80 -31.51 0.28
C PHE B 505 -8.44 -32.99 0.51
N PHE B 506 -9.18 -33.94 -0.08
CA PHE B 506 -9.07 -35.38 0.24
C PHE B 506 -7.71 -35.86 -0.26
N ARG B 507 -7.17 -35.29 -1.34
CA ARG B 507 -5.81 -35.63 -1.83
C ARG B 507 -4.84 -35.50 -0.63
N PHE B 508 -4.96 -34.46 0.13
CA PHE B 508 -4.06 -34.17 1.26
C PHE B 508 -4.39 -35.13 2.41
N LEU B 509 -5.65 -35.39 2.68
CA LEU B 509 -6.09 -36.19 3.85
C LEU B 509 -5.60 -37.62 3.68
N ALA B 510 -5.92 -38.22 2.53
CA ALA B 510 -5.57 -39.60 2.10
C ALA B 510 -4.04 -39.74 2.08
N ALA B 511 -3.36 -38.75 1.52
CA ALA B 511 -1.87 -38.73 1.49
C ALA B 511 -1.36 -38.79 2.95
N ASN B 512 -1.81 -37.87 3.79
CA ASN B 512 -1.29 -37.75 5.17
C ASN B 512 -1.46 -39.10 5.88
N LEU B 513 -2.64 -39.73 5.74
CA LEU B 513 -3.02 -40.92 6.52
C LEU B 513 -2.21 -42.13 6.05
N ALA B 514 -1.88 -42.19 4.76
CA ALA B 514 -1.11 -43.30 4.16
C ALA B 514 0.36 -43.12 4.53
N GLU B 515 0.91 -41.90 4.37
CA GLU B 515 2.31 -41.55 4.72
C GLU B 515 2.65 -41.97 6.16
N GLU B 516 1.73 -41.68 7.09
CA GLU B 516 1.89 -41.97 8.54
C GLU B 516 1.47 -43.42 8.85
N GLY B 517 1.14 -44.22 7.85
CA GLY B 517 0.92 -45.66 8.04
C GLY B 517 -0.42 -46.00 8.69
N ILE B 518 -1.40 -45.09 8.66
CA ILE B 518 -2.70 -45.28 9.37
C ILE B 518 -3.70 -46.04 8.49
N VAL B 519 -3.79 -45.74 7.21
CA VAL B 519 -4.71 -46.51 6.34
C VAL B 519 -4.33 -46.28 4.88
N THR B 520 -4.48 -47.28 4.05
CA THR B 520 -4.15 -47.20 2.62
C THR B 520 -5.04 -46.15 1.95
N GLU B 521 -4.50 -45.55 0.90
CA GLU B 521 -5.29 -44.74 -0.04
C GLU B 521 -6.44 -45.60 -0.56
N ASP B 522 -6.17 -46.88 -0.82
CA ASP B 522 -7.16 -47.88 -1.32
C ASP B 522 -8.41 -47.93 -0.40
N ALA B 523 -8.18 -48.16 0.89
CA ALA B 523 -9.20 -48.24 1.94
C ALA B 523 -9.88 -46.89 2.05
N PHE B 524 -9.09 -45.81 2.10
CA PHE B 524 -9.59 -44.41 2.13
C PHE B 524 -10.63 -44.23 1.03
N TRP B 525 -10.25 -44.56 -0.21
CA TRP B 525 -11.11 -44.25 -1.38
C TRP B 525 -12.29 -45.25 -1.54
N ARG B 526 -12.08 -46.54 -1.22
CA ARG B 526 -13.17 -47.54 -1.04
C ARG B 526 -14.22 -46.90 -0.12
N THR B 527 -13.82 -46.32 1.02
CA THR B 527 -14.77 -45.74 2.01
C THR B 527 -15.58 -44.59 1.37
N VAL B 528 -14.91 -43.63 0.71
CA VAL B 528 -15.57 -42.53 -0.03
C VAL B 528 -16.54 -43.15 -1.03
N ALA B 529 -16.11 -44.17 -1.78
CA ALA B 529 -16.95 -44.88 -2.76
C ALA B 529 -18.26 -45.41 -2.13
N GLU B 530 -18.15 -46.12 -1.01
CA GLU B 530 -19.25 -46.83 -0.30
C GLU B 530 -20.28 -45.80 0.20
N VAL B 531 -19.79 -44.71 0.78
CA VAL B 531 -20.63 -43.62 1.31
C VAL B 531 -21.38 -43.01 0.15
N THR B 532 -20.65 -42.85 -0.93
CA THR B 532 -21.24 -42.34 -2.19
C THR B 532 -22.36 -43.29 -2.61
N ARG B 533 -22.07 -44.59 -2.74
CA ARG B 533 -23.11 -45.58 -3.18
C ARG B 533 -24.25 -45.59 -2.14
N GLU B 534 -23.92 -45.62 -0.85
CA GLU B 534 -24.91 -45.68 0.24
C GLU B 534 -25.85 -44.48 0.01
N TYR B 535 -25.33 -43.27 -0.20
CA TYR B 535 -26.18 -42.07 -0.38
C TYR B 535 -27.04 -42.29 -1.63
N GLN B 536 -26.43 -42.64 -2.76
CA GLN B 536 -27.18 -42.77 -4.04
C GLN B 536 -28.27 -43.84 -3.89
N GLU B 537 -27.95 -45.01 -3.31
CA GLU B 537 -28.94 -46.09 -3.12
C GLU B 537 -30.16 -45.51 -2.39
N SER B 538 -29.98 -44.52 -1.52
CA SER B 538 -31.02 -44.09 -0.56
C SER B 538 -31.97 -43.05 -1.20
N VAL B 539 -31.66 -42.61 -2.42
CA VAL B 539 -32.44 -41.57 -3.18
C VAL B 539 -32.59 -42.02 -4.64
N PRO B 540 -33.28 -43.16 -4.88
CA PRO B 540 -33.43 -43.68 -6.24
C PRO B 540 -34.17 -42.73 -7.20
N GLU B 541 -34.89 -41.75 -6.65
CA GLU B 541 -35.65 -40.75 -7.43
C GLU B 541 -34.69 -39.95 -8.33
N LEU B 542 -33.37 -39.98 -8.05
CA LEU B 542 -32.32 -39.14 -8.68
C LEU B 542 -31.37 -39.98 -9.56
N ALA B 543 -31.67 -41.24 -9.81
CA ALA B 543 -30.76 -42.19 -10.51
C ALA B 543 -30.32 -41.66 -11.88
N ASP B 544 -31.24 -41.04 -12.65
CA ASP B 544 -30.98 -40.51 -14.02
C ASP B 544 -29.92 -39.41 -13.91
N LYS B 545 -30.00 -38.56 -12.88
CA LYS B 545 -29.04 -37.46 -12.62
C LYS B 545 -27.69 -37.99 -12.09
N PHE B 546 -27.72 -39.09 -11.34
CA PHE B 546 -26.52 -39.79 -10.83
C PHE B 546 -25.72 -40.32 -12.01
N GLU B 547 -26.39 -40.81 -13.06
CA GLU B 547 -25.67 -41.28 -14.27
C GLU B 547 -25.18 -40.10 -15.11
N ARG B 548 -25.93 -39.00 -15.17
CA ARG B 548 -25.62 -37.81 -16.00
C ARG B 548 -24.32 -37.17 -15.52
N TYR B 549 -24.28 -36.95 -14.20
CA TYR B 549 -23.14 -36.43 -13.43
C TYR B 549 -22.59 -37.59 -12.63
N ASP B 550 -21.75 -38.39 -13.29
CA ASP B 550 -21.14 -39.64 -12.78
C ASP B 550 -20.01 -39.34 -11.78
N MET B 551 -20.19 -39.63 -10.49
CA MET B 551 -19.11 -39.55 -9.44
C MET B 551 -18.01 -40.61 -9.63
N PHE B 552 -18.23 -41.59 -10.50
CA PHE B 552 -17.35 -42.76 -10.73
C PHE B 552 -16.79 -42.69 -12.15
N ALA B 553 -16.93 -41.54 -12.81
CA ALA B 553 -16.31 -41.30 -14.15
C ALA B 553 -14.83 -41.65 -14.06
N PRO B 554 -14.23 -42.33 -15.05
CA PRO B 554 -12.80 -42.68 -15.02
C PRO B 554 -11.82 -41.53 -14.71
N GLU B 555 -12.14 -40.33 -15.18
CA GLU B 555 -11.31 -39.12 -15.03
C GLU B 555 -12.17 -37.90 -14.77
N PHE B 556 -11.51 -36.82 -14.39
CA PHE B 556 -12.08 -35.45 -14.47
C PHE B 556 -10.95 -34.46 -14.69
N ALA B 557 -11.31 -33.21 -15.02
CA ALA B 557 -10.40 -32.11 -15.30
C ALA B 557 -9.53 -31.79 -14.07
N LEU B 558 -8.20 -31.63 -14.29
CA LEU B 558 -7.23 -31.01 -13.35
C LEU B 558 -7.48 -29.50 -13.39
N SER B 559 -7.82 -28.92 -12.24
CA SER B 559 -8.05 -27.48 -12.07
C SER B 559 -6.93 -26.96 -11.19
N CYS B 560 -6.11 -26.10 -11.76
CA CYS B 560 -4.80 -25.70 -11.19
C CYS B 560 -5.02 -24.41 -10.41
N LEU B 561 -4.81 -24.42 -9.08
CA LEU B 561 -5.08 -23.27 -8.19
C LEU B 561 -3.95 -22.26 -8.23
N ASN B 562 -2.68 -22.72 -8.16
CA ASN B 562 -1.49 -21.85 -8.17
C ASN B 562 -1.49 -21.09 -9.50
N ARG B 563 -1.80 -21.77 -10.62
CA ARG B 563 -1.78 -21.13 -11.97
C ARG B 563 -2.67 -19.87 -11.97
N LEU B 564 -3.82 -19.86 -11.30
CA LEU B 564 -4.67 -18.63 -11.23
C LEU B 564 -3.90 -17.48 -10.59
N GLN B 565 -3.27 -17.74 -9.46
CA GLN B 565 -2.56 -16.70 -8.67
C GLN B 565 -1.38 -16.19 -9.53
N LEU B 566 -0.62 -17.05 -10.21
CA LEU B 566 0.60 -16.64 -10.96
C LEU B 566 0.23 -15.78 -12.18
N ARG B 567 -0.98 -15.89 -12.72
CA ARG B 567 -1.38 -15.08 -13.91
C ARG B 567 -1.95 -13.72 -13.45
N ASP B 568 -2.17 -13.51 -12.13
CA ASP B 568 -2.91 -12.34 -11.55
C ASP B 568 -2.85 -12.34 -10.00
N ASN B 569 -1.90 -11.61 -9.36
CA ASN B 569 -1.63 -11.67 -7.88
C ASN B 569 -2.62 -10.81 -7.05
N ARG B 570 -3.57 -10.06 -7.67
CA ARG B 570 -4.64 -9.24 -7.00
C ARG B 570 -6.09 -9.66 -7.39
N GLN B 571 -6.36 -10.06 -8.64
CA GLN B 571 -7.70 -10.47 -9.19
C GLN B 571 -7.59 -11.85 -9.87
N MET B 572 -7.52 -12.91 -9.04
CA MET B 572 -7.28 -14.36 -9.38
C MET B 572 -8.31 -14.86 -10.39
N VAL B 573 -9.59 -14.66 -10.03
CA VAL B 573 -10.83 -14.71 -10.87
C VAL B 573 -11.33 -13.25 -10.94
N ASP B 574 -11.87 -12.80 -12.09
CA ASP B 574 -12.23 -11.37 -12.33
C ASP B 574 -13.76 -11.20 -12.39
N LEU B 575 -14.30 -10.65 -13.49
CA LEU B 575 -15.73 -10.36 -13.68
C LEU B 575 -16.39 -11.46 -14.53
N ALA B 576 -15.74 -12.62 -14.68
CA ALA B 576 -16.33 -13.88 -15.20
C ALA B 576 -17.49 -14.27 -14.26
N ASP B 577 -18.75 -13.86 -14.57
CA ASP B 577 -20.00 -14.10 -13.79
C ASP B 577 -20.71 -15.39 -14.22
N PRO B 578 -20.18 -16.13 -15.22
CA PRO B 578 -20.48 -17.55 -15.58
C PRO B 578 -19.45 -18.47 -14.92
N SER B 579 -18.22 -18.56 -15.47
CA SER B 579 -16.94 -18.98 -14.80
C SER B 579 -15.79 -18.85 -15.83
N GLY B 580 -14.93 -19.86 -15.98
CA GLY B 580 -13.93 -19.95 -17.07
C GLY B 580 -12.82 -18.90 -16.99
N ALA B 581 -12.38 -18.49 -15.80
CA ALA B 581 -10.99 -18.05 -15.51
C ALA B 581 -10.14 -19.25 -15.06
N LEU B 582 -10.85 -20.36 -14.76
CA LEU B 582 -10.35 -21.74 -14.51
C LEU B 582 -9.18 -22.07 -15.45
N GLN B 583 -8.14 -22.69 -14.91
CA GLN B 583 -6.99 -23.19 -15.69
C GLN B 583 -7.06 -24.72 -15.60
N LEU B 584 -7.73 -25.30 -16.59
CA LEU B 584 -7.92 -26.75 -16.76
C LEU B 584 -6.81 -27.24 -17.68
N VAL B 585 -6.03 -28.20 -17.17
CA VAL B 585 -4.79 -28.74 -17.81
C VAL B 585 -4.78 -30.28 -17.71
N GLY B 586 -5.28 -30.95 -18.75
CA GLY B 586 -5.49 -32.40 -18.78
C GLY B 586 -6.54 -32.85 -17.78
N THR B 587 -6.41 -34.09 -17.32
CA THR B 587 -7.35 -34.84 -16.46
C THR B 587 -6.59 -35.58 -15.37
N LEU B 588 -7.25 -35.92 -14.28
CA LEU B 588 -6.74 -36.82 -13.23
C LEU B 588 -7.56 -38.11 -13.27
N LYS B 589 -6.96 -39.21 -12.83
CA LYS B 589 -7.70 -40.48 -12.59
C LYS B 589 -8.49 -40.29 -11.29
N ASN B 590 -9.81 -40.34 -11.42
CA ASN B 590 -10.82 -40.51 -10.35
C ASN B 590 -10.45 -41.75 -9.54
N PRO B 591 -10.09 -41.59 -8.25
CA PRO B 591 -9.84 -42.75 -7.39
C PRO B 591 -11.12 -43.57 -7.22
N LEU B 592 -12.28 -42.96 -7.47
CA LEU B 592 -13.61 -43.65 -7.51
C LEU B 592 -13.83 -44.41 -8.82
N ALA B 593 -12.96 -44.26 -9.83
CA ALA B 593 -13.17 -44.95 -11.12
C ALA B 593 -13.30 -46.43 -10.76
N GLY B 594 -14.42 -47.01 -11.17
CA GLY B 594 -14.63 -48.47 -11.12
C GLY B 594 -15.42 -48.94 -9.92
N ARG B 595 -15.90 -48.05 -9.06
CA ARG B 595 -16.52 -48.46 -7.78
C ARG B 595 -18.01 -48.05 -7.70
N LEU B 596 -18.71 -47.93 -8.84
CA LEU B 596 -20.19 -47.89 -8.90
C LEU B 596 -20.79 -49.27 -8.82
C1 GOL C . 1.29 0.88 4.76
O1 GOL C . 1.11 2.11 4.09
C2 GOL C . 0.00 0.45 5.43
O2 GOL C . -0.48 -0.75 4.83
C3 GOL C . 0.17 0.30 6.93
O3 GOL C . 0.83 1.43 7.46
H11 GOL C . 1.99 0.97 5.45
H12 GOL C . 1.56 0.19 4.11
H2 GOL C . -0.69 1.15 5.26
H31 GOL C . 0.72 -0.51 7.11
H32 GOL C . -0.71 0.20 7.35
HO3 GOL C . 0.98 1.98 6.83
C1 GOL D . -4.25 5.44 2.39
O1 GOL D . -4.71 4.40 1.53
C2 GOL D . -2.75 5.38 2.55
O2 GOL D . -2.28 6.43 3.40
C3 GOL D . -2.28 4.02 3.01
O3 GOL D . -2.36 3.86 4.44
H11 GOL D . -4.67 5.33 3.29
H12 GOL D . -4.50 6.32 2.01
H2 GOL D . -2.34 5.57 1.67
H31 GOL D . -1.34 3.88 2.75
H32 GOL D . -2.85 3.31 2.60
HO3 GOL D . -2.66 4.58 4.77
PG ATP E . 15.42 17.01 -0.92
O1G ATP E . 15.17 17.01 0.58
O2G ATP E . 16.47 16.00 -1.28
O3G ATP E . 15.77 18.41 -1.44
PB ATP E . 13.23 15.57 -2.63
O1B ATP E . 14.20 14.97 -3.61
O2B ATP E . 12.32 14.68 -1.83
O3B ATP E . 13.98 16.63 -1.67
PA ATP E . 12.21 17.10 -4.96
O1A ATP E . 12.35 15.96 -5.93
O2A ATP E . 13.17 18.22 -5.11
O3A ATP E . 12.26 16.54 -3.46
O5' ATP E . 10.69 17.65 -4.97
C5' ATP E . 10.16 18.42 -3.85
C4' ATP E . 9.45 17.52 -2.85
O4' ATP E . 9.17 18.30 -1.66
C3' ATP E . 8.11 16.93 -3.31
O3' ATP E . 7.80 15.62 -2.82
C2' ATP E . 7.11 17.99 -2.81
O2' ATP E . 5.85 17.42 -2.52
C1' ATP E . 7.77 18.54 -1.54
N9 ATP E . 7.50 20.00 -1.32
C8 ATP E . 6.88 20.56 -0.21
N7 ATP E . 6.75 21.86 -0.29
C5 ATP E . 7.30 22.20 -1.53
C6 ATP E . 7.47 23.43 -2.20
N6 ATP E . 7.08 24.60 -1.70
N1 ATP E . 8.08 23.41 -3.41
C2 ATP E . 8.46 22.23 -3.91
N3 ATP E . 8.35 21.00 -3.38
C4 ATP E . 7.75 21.05 -2.17
H5'1 ATP E . 9.51 19.09 -4.18
H5'2 ATP E . 10.88 18.89 -3.39
H4' ATP E . 10.06 16.79 -2.62
H3' ATP E . 8.08 16.86 -4.30
H2' ATP E . 7.01 18.72 -3.48
H1' ATP E . 7.45 18.02 -0.77
H8 ATP E . 6.58 20.05 0.53
H2 ATP E . 8.86 22.27 -4.76
MG MG F . 13.39 19.16 -2.92
C1 GOL G . -16.10 -17.70 11.57
O1 GOL G . -17.18 -17.49 10.66
C2 GOL G . -14.97 -18.56 11.05
O2 GOL G . -14.25 -17.86 10.03
C3 GOL G . -13.97 -18.99 12.11
O3 GOL G . -14.49 -19.88 13.10
H11 GOL G . -16.44 -18.15 12.38
H12 GOL G . -15.70 -16.82 11.81
H2 GOL G . -15.35 -19.38 10.65
H31 GOL G . -13.64 -18.19 12.61
H32 GOL G . -13.20 -19.44 11.69
HO3 GOL G . -15.30 -20.04 12.91
PG ATP H . -15.26 -16.32 5.82
O1G ATP H . -14.98 -15.76 7.21
O2G ATP H . -15.47 -17.84 5.84
O3G ATP H . -16.40 -15.59 5.14
PB ATP H . -13.37 -15.33 3.58
O1B ATP H . -14.48 -15.04 2.60
O2B ATP H . -12.44 -14.23 4.01
O3B ATP H . -13.92 -16.06 4.91
PA ATP H . -12.64 -17.55 1.78
O1A ATP H . -13.25 -16.77 0.66
O2A ATP H . -13.33 -18.80 2.21
O3A ATP H . -12.48 -16.53 3.01
O5' ATP H . -11.08 -17.86 1.49
C5' ATP H . -10.26 -18.52 2.50
C4' ATP H . -9.39 -17.52 3.23
O4' ATP H . -8.91 -18.12 4.47
C3' ATP H . -8.12 -17.05 2.48
O3' ATP H . -7.78 -15.69 2.72
C2' ATP H . -7.05 -18.00 3.02
O2' ATP H . -5.78 -17.39 3.03
C1' ATP H . -7.51 -18.27 4.45
N9 ATP H . -7.15 -19.63 4.92
C8 ATP H . -6.36 -19.96 6.01
N7 ATP H . -6.24 -21.25 6.18
C5 ATP H . -6.97 -21.82 5.14
C6 ATP H . -7.23 -23.16 4.77
N6 ATP H . -6.75 -24.22 5.42
N1 ATP H . -8.02 -23.37 3.69
C2 ATP H . -8.49 -22.30 3.02
N3 ATP H . -8.32 -21.01 3.28
C4 ATP H . -7.54 -20.83 4.36
H5'1 ATP H . -9.68 -19.19 2.08
H5'2 ATP H . -10.85 -18.98 3.16
H4' ATP H . -9.94 -16.73 3.45
H3' ATP H . -8.24 -17.18 1.51
H2' ATP H . -7.04 -18.84 2.50
H1' ATP H . -7.12 -17.60 5.05
H8 ATP H . -5.96 -19.32 6.58
H2 ATP H . -9.04 -22.49 2.27
MG MG I . -14.01 -18.76 4.38
MG MG J . -14.85 -15.25 -0.01
#